data_4INA
#
_entry.id   4INA
#
_cell.length_a   44.639
_cell.length_b   95.490
_cell.length_c   104.427
_cell.angle_alpha   90.000
_cell.angle_beta   101.800
_cell.angle_gamma   90.000
#
_symmetry.space_group_name_H-M   'P 1 21 1'
#
loop_
_entity.id
_entity.type
_entity.pdbx_description
1 polymer 'saccharopine dehydrogenase'
2 water water
#
_entity_poly.entity_id   1
_entity_poly.type   'polypeptide(L)'
_entity_poly.pdbx_seq_one_letter_code
;(MSE)AKVLQIGAGGVGGVVAHK(MSE)A(MSE)NREVFSHITLASRTLSKCQEIAQSIKAKGYGEIDITTVDADSIEEL
VALINEVKPQIVLNIALPYQDLTI(MSE)EACLRTGVPYLDTANYEHPDLAKFEYKEQWAFHDRYKEKGV(MSE)ALLGS
GFDPGVTNVFCAYAQKHYFDEIHEIDILDCNAGDHGYPFATNFNPEINLREVSSKGRYWENGEWIETEP(MSE)EI
(MSE)QVWDYPEVGPKDSYLLYHEELESLVRNIKGLKRIRFF(MSE)TFGQSYLTH(MSE)RCLENVG(MSE)LRIDEIE
VNGCKVVPIQVLKALLPDPASLASRTKGKTNIGCYIKGIKEGKARTIYIYNVCDHESCYREVNAQAISYTTGVPA(MSE)
IGAKL(MSE)LEGKWSGKGVFN(MSE)EELDPDPF(MSE)DELNKQGLPWEVKE(MSE)EALEHHHHHH
;
_entity_poly.pdbx_strand_id   A,B
#
# COMPACT_ATOMS: atom_id res chain seq x y z
N ALA A 2 49.40 -10.41 0.75
CA ALA A 2 48.96 -11.79 1.14
C ALA A 2 47.73 -12.22 0.36
N LYS A 3 47.48 -13.52 0.33
CA LYS A 3 46.30 -14.05 -0.37
C LYS A 3 45.13 -14.06 0.59
N VAL A 4 43.99 -13.56 0.13
CA VAL A 4 42.79 -13.50 0.96
C VAL A 4 41.65 -14.18 0.22
N LEU A 5 40.65 -14.61 0.97
CA LEU A 5 39.49 -15.28 0.41
C LEU A 5 38.24 -14.61 0.97
N GLN A 6 37.34 -14.17 0.09
CA GLN A 6 36.08 -13.55 0.52
C GLN A 6 34.94 -14.45 0.06
N ILE A 7 33.96 -14.66 0.92
CA ILE A 7 32.80 -15.46 0.56
C ILE A 7 31.60 -14.52 0.52
N GLY A 8 30.80 -14.62 -0.53
CA GLY A 8 29.64 -13.75 -0.68
C GLY A 8 29.94 -12.61 -1.64
N ALA A 9 28.98 -12.23 -2.47
CA ALA A 9 29.19 -11.15 -3.42
C ALA A 9 28.03 -10.16 -3.50
N GLY A 10 27.43 -9.85 -2.35
CA GLY A 10 26.32 -8.91 -2.32
C GLY A 10 26.80 -7.46 -2.28
N GLY A 11 25.90 -6.56 -1.93
CA GLY A 11 26.23 -5.14 -1.86
C GLY A 11 27.46 -4.84 -1.03
N VAL A 12 27.48 -5.31 0.22
CA VAL A 12 28.63 -5.08 1.09
C VAL A 12 29.84 -5.76 0.47
N GLY A 13 29.64 -6.97 -0.05
CA GLY A 13 30.70 -7.74 -0.66
C GLY A 13 31.44 -7.05 -1.79
N GLY A 14 30.72 -6.27 -2.60
CA GLY A 14 31.35 -5.56 -3.70
C GLY A 14 32.24 -4.46 -3.15
N VAL A 15 31.79 -3.82 -2.09
CA VAL A 15 32.55 -2.76 -1.44
C VAL A 15 33.82 -3.32 -0.81
N VAL A 16 33.71 -4.46 -0.14
CA VAL A 16 34.88 -5.05 0.49
C VAL A 16 35.93 -5.35 -0.56
N ALA A 17 35.52 -6.05 -1.61
CA ALA A 17 36.42 -6.41 -2.70
C ALA A 17 37.12 -5.18 -3.29
N HIS A 18 36.34 -4.13 -3.53
CA HIS A 18 36.87 -2.89 -4.08
C HIS A 18 37.96 -2.33 -3.18
N LYS A 19 37.61 -2.08 -1.91
CA LYS A 19 38.57 -1.51 -0.96
C LYS A 19 39.81 -2.36 -0.79
N ALA A 21 40.98 -4.19 -3.17
CA ALA A 21 41.68 -3.98 -4.43
C ALA A 21 42.41 -2.63 -4.45
N ASN A 23 44.03 -1.57 -1.77
CA ASN A 23 45.12 -1.69 -0.80
C ASN A 23 45.95 -2.94 -1.08
N ARG A 24 46.54 -3.00 -2.28
CA ARG A 24 47.33 -4.12 -2.72
C ARG A 24 48.60 -4.34 -1.88
N GLU A 25 49.01 -3.31 -1.15
CA GLU A 25 50.18 -3.47 -0.30
C GLU A 25 49.92 -4.65 0.62
N VAL A 26 48.69 -4.76 1.13
CA VAL A 26 48.32 -5.85 2.03
C VAL A 26 47.58 -6.98 1.31
N PHE A 27 46.55 -6.62 0.55
CA PHE A 27 45.76 -7.61 -0.19
C PHE A 27 46.33 -7.66 -1.60
N SER A 28 47.31 -8.53 -1.82
CA SER A 28 47.93 -8.61 -3.14
C SER A 28 47.25 -9.61 -4.07
N HIS A 29 46.55 -10.59 -3.50
CA HIS A 29 45.86 -11.59 -4.30
C HIS A 29 44.47 -11.80 -3.72
N ILE A 30 43.44 -11.49 -4.51
CA ILE A 30 42.07 -11.59 -4.05
C ILE A 30 41.20 -12.64 -4.75
N THR A 31 40.56 -13.49 -3.95
CA THR A 31 39.67 -14.52 -4.47
C THR A 31 38.27 -14.31 -3.89
N LEU A 32 37.27 -14.28 -4.78
CA LEU A 32 35.90 -14.07 -4.36
C LEU A 32 35.11 -15.35 -4.60
N ALA A 33 34.71 -16.02 -3.52
CA ALA A 33 33.96 -17.26 -3.62
C ALA A 33 32.47 -16.96 -3.52
N SER A 34 31.69 -17.57 -4.39
CA SER A 34 30.26 -17.30 -4.42
C SER A 34 29.49 -18.32 -5.26
N ARG A 35 28.18 -18.17 -5.31
CA ARG A 35 27.31 -19.06 -6.07
C ARG A 35 26.64 -18.30 -7.22
N THR A 36 26.96 -17.01 -7.32
CA THR A 36 26.42 -16.12 -8.34
C THR A 36 27.52 -15.43 -9.13
N LEU A 37 27.86 -16.01 -10.28
CA LEU A 37 28.90 -15.45 -11.14
C LEU A 37 28.59 -14.05 -11.64
N SER A 38 27.37 -13.84 -12.12
CA SER A 38 26.99 -12.55 -12.66
C SER A 38 27.27 -11.42 -11.68
N LYS A 39 27.03 -11.66 -10.39
CA LYS A 39 27.26 -10.64 -9.37
C LYS A 39 28.74 -10.38 -9.20
N CYS A 40 29.54 -11.44 -9.17
CA CYS A 40 30.98 -11.31 -9.02
C CYS A 40 31.52 -10.59 -10.27
N GLN A 41 31.02 -10.99 -11.44
CA GLN A 41 31.42 -10.39 -12.70
C GLN A 41 31.16 -8.89 -12.69
N GLU A 42 30.03 -8.49 -12.10
CA GLU A 42 29.67 -7.08 -12.00
C GLU A 42 30.78 -6.34 -11.26
N ILE A 43 31.10 -6.86 -10.08
CA ILE A 43 32.13 -6.30 -9.21
C ILE A 43 33.50 -6.30 -9.86
N ALA A 44 33.91 -7.42 -10.45
CA ALA A 44 35.21 -7.50 -11.10
C ALA A 44 35.37 -6.43 -12.18
N GLN A 45 34.32 -6.21 -12.95
CA GLN A 45 34.34 -5.22 -14.02
C GLN A 45 34.57 -3.80 -13.49
N SER A 46 33.86 -3.45 -12.42
CA SER A 46 34.00 -2.13 -11.82
C SER A 46 35.39 -1.92 -11.24
N ILE A 47 35.93 -2.98 -10.64
CA ILE A 47 37.26 -2.93 -10.03
C ILE A 47 38.31 -2.72 -11.11
N LYS A 48 38.19 -3.47 -12.20
CA LYS A 48 39.13 -3.37 -13.31
C LYS A 48 39.01 -2.00 -13.98
N ALA A 49 37.80 -1.66 -14.40
CA ALA A 49 37.60 -0.38 -15.05
C ALA A 49 38.11 0.78 -14.18
N LYS A 50 38.10 0.61 -12.87
CA LYS A 50 38.56 1.69 -12.00
C LYS A 50 40.09 1.67 -11.80
N GLY A 51 40.76 0.70 -12.42
CA GLY A 51 42.21 0.60 -12.33
C GLY A 51 42.76 -0.15 -11.14
N TYR A 52 41.93 -0.97 -10.48
CA TYR A 52 42.39 -1.69 -9.30
C TYR A 52 42.72 -3.15 -9.50
N GLY A 53 43.05 -3.52 -10.73
CA GLY A 53 43.44 -4.90 -10.98
C GLY A 53 42.40 -5.97 -11.24
N GLU A 54 42.81 -7.22 -10.98
CA GLU A 54 42.00 -8.40 -11.19
C GLU A 54 41.72 -9.14 -9.90
N ILE A 55 40.66 -9.94 -9.91
CA ILE A 55 40.29 -10.77 -8.77
C ILE A 55 39.88 -12.13 -9.32
N ASP A 56 40.08 -13.18 -8.54
CA ASP A 56 39.72 -14.53 -8.95
C ASP A 56 38.35 -14.90 -8.39
N ILE A 57 37.41 -15.23 -9.26
CA ILE A 57 36.09 -15.64 -8.76
C ILE A 57 36.01 -17.16 -8.93
N THR A 58 35.44 -17.84 -7.94
CA THR A 58 35.28 -19.28 -8.02
C THR A 58 33.96 -19.55 -7.32
N THR A 59 33.42 -20.76 -7.43
CA THR A 59 32.15 -20.99 -6.77
C THR A 59 32.27 -21.96 -5.62
N VAL A 60 31.36 -21.82 -4.66
CA VAL A 60 31.37 -22.67 -3.50
C VAL A 60 30.06 -22.56 -2.76
N ASP A 61 29.67 -23.64 -2.11
CA ASP A 61 28.45 -23.68 -1.32
C ASP A 61 28.90 -23.49 0.13
N ALA A 62 28.60 -22.33 0.70
CA ALA A 62 29.00 -22.02 2.06
C ALA A 62 28.22 -22.82 3.11
N ASP A 63 27.42 -23.78 2.66
CA ASP A 63 26.66 -24.62 3.59
C ASP A 63 27.46 -25.88 3.82
N SER A 64 28.35 -26.18 2.89
CA SER A 64 29.20 -27.36 2.91
C SER A 64 30.56 -27.11 3.56
N ILE A 65 30.83 -27.82 4.65
CA ILE A 65 32.12 -27.67 5.32
C ILE A 65 33.25 -28.25 4.48
N GLU A 66 32.96 -29.30 3.72
CA GLU A 66 33.96 -29.94 2.89
C GLU A 66 34.40 -29.05 1.72
N GLU A 67 33.44 -28.38 1.11
CA GLU A 67 33.74 -27.48 0.00
C GLU A 67 34.66 -26.38 0.50
N LEU A 68 34.29 -25.77 1.62
CA LEU A 68 35.07 -24.69 2.21
C LEU A 68 36.49 -25.15 2.52
N VAL A 69 36.61 -26.22 3.30
CA VAL A 69 37.92 -26.76 3.66
C VAL A 69 38.75 -27.05 2.40
N ALA A 70 38.10 -27.58 1.37
CA ALA A 70 38.79 -27.90 0.12
C ALA A 70 39.24 -26.60 -0.56
N LEU A 71 38.33 -25.64 -0.66
CA LEU A 71 38.62 -24.37 -1.30
C LEU A 71 39.77 -23.67 -0.57
N ILE A 72 39.69 -23.63 0.75
CA ILE A 72 40.73 -22.99 1.56
C ILE A 72 42.09 -23.68 1.43
N ASN A 73 42.08 -25.01 1.28
CA ASN A 73 43.33 -25.77 1.13
C ASN A 73 43.98 -25.54 -0.24
N GLU A 74 43.15 -25.18 -1.22
CA GLU A 74 43.61 -24.93 -2.57
C GLU A 74 44.20 -23.52 -2.68
N VAL A 75 43.44 -22.52 -2.27
CA VAL A 75 43.87 -21.13 -2.35
C VAL A 75 44.95 -20.70 -1.35
N LYS A 76 45.06 -21.40 -0.22
CA LYS A 76 46.04 -21.05 0.81
C LYS A 76 45.91 -19.57 1.19
N PRO A 77 44.72 -19.13 1.63
CA PRO A 77 44.55 -17.72 2.00
C PRO A 77 45.05 -17.47 3.42
N GLN A 78 45.44 -16.22 3.71
CA GLN A 78 45.94 -15.87 5.04
C GLN A 78 44.79 -15.44 5.93
N ILE A 79 43.65 -15.13 5.31
CA ILE A 79 42.45 -14.74 6.05
C ILE A 79 41.21 -14.98 5.20
N VAL A 80 40.10 -15.27 5.87
CA VAL A 80 38.82 -15.50 5.21
C VAL A 80 37.85 -14.44 5.70
N LEU A 81 37.32 -13.66 4.76
CA LEU A 81 36.33 -12.62 5.09
C LEU A 81 34.94 -13.16 4.80
N ASN A 82 34.15 -13.36 5.85
CA ASN A 82 32.80 -13.87 5.67
C ASN A 82 31.77 -12.74 5.49
N ILE A 83 31.48 -12.44 4.23
CA ILE A 83 30.50 -11.42 3.90
C ILE A 83 29.32 -12.17 3.29
N ALA A 84 29.09 -13.39 3.77
CA ALA A 84 27.98 -14.21 3.28
C ALA A 84 26.80 -14.05 4.24
N LEU A 85 25.77 -14.86 4.05
CA LEU A 85 24.57 -14.82 4.87
C LEU A 85 24.86 -15.21 6.32
N PRO A 86 24.13 -14.62 7.28
CA PRO A 86 24.30 -14.90 8.70
C PRO A 86 24.09 -16.34 9.11
N TYR A 87 23.22 -17.07 8.41
CA TYR A 87 22.98 -18.45 8.78
C TYR A 87 24.15 -19.32 8.40
N GLN A 88 25.10 -18.75 7.66
CA GLN A 88 26.28 -19.50 7.22
C GLN A 88 27.52 -19.23 8.08
N ASP A 89 27.37 -18.39 9.09
CA ASP A 89 28.47 -18.07 9.98
C ASP A 89 29.14 -19.28 10.61
N LEU A 90 28.34 -20.24 11.09
CA LEU A 90 28.93 -21.41 11.74
C LEU A 90 29.74 -22.34 10.85
N THR A 91 29.26 -22.60 9.65
CA THR A 91 30.01 -23.47 8.75
C THR A 91 31.34 -22.84 8.32
N ILE A 92 31.33 -21.54 8.04
CA ILE A 92 32.56 -20.87 7.63
C ILE A 92 33.56 -20.80 8.79
N GLU A 94 33.84 -23.17 11.11
CA GLU A 94 34.36 -24.51 11.31
C GLU A 94 35.48 -24.72 10.31
N ALA A 95 35.26 -24.31 9.05
CA ALA A 95 36.27 -24.47 8.01
C ALA A 95 37.56 -23.78 8.43
N CYS A 96 37.47 -22.48 8.76
CA CYS A 96 38.64 -21.71 9.17
C CYS A 96 39.35 -22.38 10.33
N LEU A 97 38.59 -22.90 11.28
CA LEU A 97 39.15 -23.59 12.44
C LEU A 97 40.00 -24.78 12.00
N ARG A 98 39.43 -25.64 11.16
CA ARG A 98 40.11 -26.82 10.65
C ARG A 98 41.37 -26.49 9.85
N THR A 99 41.28 -25.52 8.96
CA THR A 99 42.42 -25.12 8.14
C THR A 99 43.34 -24.13 8.85
N GLY A 100 42.96 -23.74 10.06
CA GLY A 100 43.75 -22.80 10.84
C GLY A 100 43.92 -21.42 10.21
N VAL A 101 42.87 -20.91 9.58
CA VAL A 101 42.93 -19.59 8.94
C VAL A 101 42.04 -18.57 9.67
N PRO A 102 42.58 -17.37 9.93
CA PRO A 102 41.87 -16.28 10.61
C PRO A 102 40.49 -16.07 10.01
N TYR A 103 39.52 -15.70 10.84
CA TYR A 103 38.16 -15.50 10.38
C TYR A 103 37.61 -14.11 10.74
N LEU A 104 36.70 -13.61 9.90
CA LEU A 104 36.10 -12.32 10.13
C LEU A 104 34.75 -12.22 9.43
N ASP A 105 33.75 -11.66 10.11
CA ASP A 105 32.42 -11.48 9.53
C ASP A 105 31.84 -10.12 9.95
N THR A 106 30.63 -9.82 9.50
CA THR A 106 30.01 -8.54 9.85
C THR A 106 28.60 -8.66 10.46
N ALA A 107 28.15 -9.88 10.67
CA ALA A 107 26.81 -10.11 11.23
C ALA A 107 26.81 -11.43 11.98
N ASN A 108 26.27 -11.43 13.19
CA ASN A 108 26.28 -12.65 13.97
C ASN A 108 25.29 -13.72 13.53
N TYR A 109 25.59 -14.96 13.94
CA TYR A 109 24.80 -16.13 13.60
C TYR A 109 23.31 -16.04 13.84
N GLU A 110 22.58 -16.59 12.89
CA GLU A 110 21.13 -16.63 12.92
C GLU A 110 20.68 -17.96 12.31
N HIS A 111 19.93 -18.75 13.07
CA HIS A 111 19.46 -20.02 12.52
C HIS A 111 18.36 -19.72 11.51
N PRO A 112 18.38 -20.39 10.35
CA PRO A 112 17.33 -20.12 9.36
C PRO A 112 15.89 -20.31 9.82
N ASP A 113 15.68 -21.07 10.90
CA ASP A 113 14.33 -21.32 11.42
C ASP A 113 13.83 -20.25 12.39
N LEU A 114 14.75 -19.49 12.96
CA LEU A 114 14.42 -18.44 13.93
C LEU A 114 14.81 -17.04 13.46
N ALA A 115 14.23 -16.02 14.08
CA ALA A 115 14.53 -14.65 13.74
C ALA A 115 15.46 -14.10 14.81
N LYS A 116 15.92 -14.99 15.68
CA LYS A 116 16.80 -14.60 16.78
C LYS A 116 18.28 -14.60 16.36
N PHE A 117 18.93 -13.45 16.51
CA PHE A 117 20.34 -13.35 16.20
C PHE A 117 21.08 -12.98 17.47
N GLU A 118 22.06 -13.80 17.82
CA GLU A 118 22.85 -13.59 19.02
C GLU A 118 24.26 -14.10 18.81
N TYR A 119 25.11 -13.91 19.81
CA TYR A 119 26.50 -14.32 19.74
C TYR A 119 26.80 -15.70 20.30
N LYS A 120 25.90 -16.24 21.12
CA LYS A 120 26.11 -17.55 21.74
C LYS A 120 26.95 -18.53 20.91
N GLU A 121 26.38 -19.00 19.82
CA GLU A 121 27.06 -19.98 18.98
C GLU A 121 28.46 -19.60 18.55
N GLN A 122 28.69 -18.33 18.25
CA GLN A 122 30.01 -17.89 17.81
C GLN A 122 31.00 -17.78 18.97
N TRP A 123 30.52 -17.39 20.14
CA TRP A 123 31.39 -17.29 21.29
C TRP A 123 31.85 -18.67 21.72
N ALA A 124 31.02 -19.67 21.49
CA ALA A 124 31.34 -21.05 21.85
C ALA A 124 32.57 -21.60 21.13
N PHE A 125 33.07 -20.88 20.12
CA PHE A 125 34.26 -21.31 19.38
C PHE A 125 35.55 -20.81 20.03
N HIS A 126 35.43 -19.88 20.96
CA HIS A 126 36.59 -19.30 21.61
C HIS A 126 37.73 -20.25 22.01
N ASP A 127 37.46 -21.22 22.87
CA ASP A 127 38.53 -22.11 23.30
C ASP A 127 39.22 -22.90 22.18
N ARG A 128 38.47 -23.33 21.18
CA ARG A 128 39.04 -24.07 20.07
C ARG A 128 39.90 -23.18 19.18
N TYR A 129 39.51 -21.92 19.04
CA TYR A 129 40.26 -20.99 18.23
C TYR A 129 41.55 -20.67 18.96
N LYS A 130 41.44 -20.37 20.25
CA LYS A 130 42.62 -20.03 21.04
C LYS A 130 43.60 -21.21 21.09
N GLU A 131 43.07 -22.40 21.35
CA GLU A 131 43.89 -23.59 21.43
C GLU A 131 44.62 -23.86 20.12
N LYS A 132 43.93 -23.61 19.01
CA LYS A 132 44.48 -23.81 17.67
C LYS A 132 45.36 -22.63 17.25
N GLY A 133 45.34 -21.56 18.03
CA GLY A 133 46.15 -20.40 17.69
C GLY A 133 45.60 -19.62 16.52
N VAL A 134 44.27 -19.50 16.47
CA VAL A 134 43.61 -18.77 15.40
C VAL A 134 42.72 -17.64 15.92
N ALA A 136 39.43 -14.93 15.45
CA ALA A 136 38.13 -14.69 14.81
C ALA A 136 37.62 -13.33 15.29
N LEU A 137 37.29 -12.45 14.34
CA LEU A 137 36.79 -11.10 14.65
C LEU A 137 35.32 -11.01 14.23
N LEU A 138 34.45 -10.71 15.18
CA LEU A 138 33.01 -10.63 14.92
C LEU A 138 32.41 -9.25 14.68
N GLY A 139 31.44 -9.20 13.77
CA GLY A 139 30.75 -7.96 13.45
C GLY A 139 31.68 -6.80 13.12
N SER A 140 32.39 -6.91 12.01
CA SER A 140 33.33 -5.87 11.61
C SER A 140 32.75 -4.88 10.59
N GLY A 141 31.51 -4.44 10.81
CA GLY A 141 30.87 -3.48 9.92
C GLY A 141 30.83 -2.11 10.57
N PHE A 142 29.80 -1.30 10.32
CA PHE A 142 29.76 0.00 10.99
C PHE A 142 29.05 -0.14 12.32
N ASP A 143 27.89 -0.77 12.29
CA ASP A 143 27.11 -1.05 13.47
C ASP A 143 26.43 -2.38 13.21
N PRO A 144 26.93 -3.45 13.85
CA PRO A 144 28.06 -3.42 14.78
C PRO A 144 29.40 -3.19 14.08
N GLY A 145 30.42 -2.86 14.87
CA GLY A 145 31.74 -2.60 14.32
C GLY A 145 32.26 -1.25 14.75
N VAL A 146 32.31 -0.30 13.82
CA VAL A 146 32.78 1.05 14.11
C VAL A 146 32.13 1.64 15.36
N THR A 147 30.83 1.45 15.53
CA THR A 147 30.16 1.98 16.71
C THR A 147 30.81 1.43 17.97
N ASN A 148 31.24 0.16 17.90
CA ASN A 148 31.89 -0.50 19.04
C ASN A 148 33.26 0.15 19.27
N VAL A 149 34.00 0.39 18.19
CA VAL A 149 35.33 1.00 18.30
C VAL A 149 35.20 2.43 18.83
N PHE A 150 34.18 3.18 18.37
CA PHE A 150 33.96 4.55 18.84
C PHE A 150 33.82 4.52 20.36
N CYS A 151 33.08 3.53 20.87
CA CYS A 151 32.87 3.40 22.30
C CYS A 151 34.14 3.02 23.04
N ALA A 152 34.93 2.10 22.46
CA ALA A 152 36.18 1.68 23.08
C ALA A 152 37.18 2.84 23.00
N TYR A 153 37.01 3.68 21.99
CA TYR A 153 37.87 4.84 21.80
C TYR A 153 37.59 5.87 22.89
N ALA A 154 36.33 6.23 23.04
CA ALA A 154 35.94 7.20 24.05
C ALA A 154 36.36 6.74 25.44
N GLN A 155 36.21 5.45 25.71
CA GLN A 155 36.56 4.89 27.02
C GLN A 155 38.06 4.89 27.30
N LYS A 156 38.85 4.94 26.25
CA LYS A 156 40.30 4.94 26.39
C LYS A 156 40.84 6.36 26.49
N HIS A 157 40.14 7.32 25.89
CA HIS A 157 40.62 8.69 25.87
C HIS A 157 39.74 9.76 26.50
N TYR A 158 38.43 9.59 26.48
CA TYR A 158 37.56 10.62 27.02
C TYR A 158 36.88 10.36 28.37
N PHE A 159 36.94 9.13 28.87
CA PHE A 159 36.26 8.82 30.13
C PHE A 159 36.97 7.90 31.14
N ASP A 160 36.58 8.02 32.40
CA ASP A 160 37.08 7.14 33.45
C ASP A 160 36.03 6.05 33.53
N GLU A 161 34.79 6.47 33.28
CA GLU A 161 33.64 5.58 33.27
C GLU A 161 32.59 6.09 32.30
N ILE A 162 32.05 5.20 31.50
CA ILE A 162 31.00 5.55 30.57
C ILE A 162 29.74 5.01 31.23
N HIS A 163 28.70 5.83 31.30
CA HIS A 163 27.45 5.40 31.93
C HIS A 163 26.32 5.22 30.92
N GLU A 164 26.36 6.01 29.85
CA GLU A 164 25.30 5.93 28.85
C GLU A 164 25.78 6.07 27.41
N ILE A 165 25.25 5.20 26.57
CA ILE A 165 25.56 5.16 25.15
C ILE A 165 24.27 5.13 24.32
N ASP A 166 24.14 6.06 23.38
CA ASP A 166 23.00 6.06 22.47
C ASP A 166 23.60 5.97 21.08
N ILE A 167 23.32 4.86 20.41
CA ILE A 167 23.82 4.65 19.06
C ILE A 167 22.74 5.13 18.11
N LEU A 168 23.04 6.16 17.33
CA LEU A 168 22.08 6.73 16.41
C LEU A 168 22.51 6.49 14.97
N ASP A 169 21.60 5.88 14.20
CA ASP A 169 21.86 5.51 12.81
C ASP A 169 20.86 6.19 11.88
N CYS A 170 21.36 7.07 11.02
CA CYS A 170 20.50 7.78 10.08
C CYS A 170 20.92 7.66 8.62
N ASN A 171 19.97 7.29 7.76
CA ASN A 171 20.20 7.21 6.34
C ASN A 171 19.17 8.15 5.72
N ALA A 172 19.63 9.32 5.27
CA ALA A 172 18.75 10.31 4.67
C ALA A 172 18.62 10.14 3.16
N GLY A 173 19.26 9.09 2.64
CA GLY A 173 19.24 8.82 1.21
C GLY A 173 17.89 8.79 0.51
N ASP A 174 17.87 9.21 -0.74
CA ASP A 174 16.65 9.24 -1.54
C ASP A 174 16.92 8.64 -2.92
N HIS A 175 16.21 7.55 -3.26
CA HIS A 175 16.40 6.93 -4.56
C HIS A 175 15.41 7.44 -5.59
N GLY A 176 14.66 8.48 -5.21
CA GLY A 176 13.71 9.07 -6.14
C GLY A 176 12.37 8.37 -6.36
N TYR A 177 12.29 7.09 -6.05
CA TYR A 177 11.05 6.35 -6.24
C TYR A 177 10.03 6.52 -5.10
N PRO A 178 8.73 6.42 -5.42
CA PRO A 178 7.68 6.57 -4.41
C PRO A 178 8.01 5.64 -3.24
N PHE A 179 8.39 4.41 -3.60
CA PHE A 179 8.78 3.40 -2.64
C PHE A 179 9.69 2.36 -3.31
N ALA A 180 10.72 1.92 -2.60
CA ALA A 180 11.66 0.92 -3.14
C ALA A 180 12.64 0.47 -2.06
N THR A 181 12.87 -0.83 -1.96
CA THR A 181 13.79 -1.35 -0.97
C THR A 181 15.13 -1.70 -1.61
N ASN A 182 16.16 -1.77 -0.78
CA ASN A 182 17.50 -2.12 -1.24
C ASN A 182 17.71 -3.61 -1.05
N PHE A 183 16.88 -4.21 -0.20
CA PHE A 183 16.98 -5.62 0.08
C PHE A 183 15.71 -6.39 -0.23
N ASN A 184 15.72 -7.66 0.14
CA ASN A 184 14.59 -8.54 -0.04
C ASN A 184 13.55 -8.05 0.96
N PRO A 185 12.42 -7.50 0.48
CA PRO A 185 11.33 -6.97 1.31
C PRO A 185 11.13 -7.69 2.65
N GLU A 186 11.31 -9.00 2.67
CA GLU A 186 11.14 -9.73 3.92
C GLU A 186 12.03 -9.14 5.01
N ILE A 187 13.19 -8.63 4.60
CA ILE A 187 14.14 -8.03 5.53
C ILE A 187 13.70 -6.66 6.05
N ASN A 188 13.20 -5.82 5.16
CA ASN A 188 12.73 -4.49 5.54
C ASN A 188 11.58 -4.63 6.52
N LEU A 189 10.83 -5.72 6.34
CA LEU A 189 9.66 -6.03 7.16
C LEU A 189 9.96 -6.54 8.56
N ARG A 190 11.07 -7.24 8.74
CA ARG A 190 11.41 -7.77 10.07
C ARG A 190 11.96 -6.64 10.94
N GLU A 191 12.68 -5.74 10.30
CA GLU A 191 13.27 -4.58 10.97
C GLU A 191 12.20 -3.86 11.79
N VAL A 192 11.02 -3.66 11.20
CA VAL A 192 9.90 -2.98 11.86
C VAL A 192 8.88 -3.89 12.56
N SER A 193 9.07 -5.20 12.51
CA SER A 193 8.13 -6.11 13.17
C SER A 193 8.68 -6.65 14.47
N SER A 194 10.01 -6.65 14.61
CA SER A 194 10.66 -7.15 15.81
C SER A 194 10.38 -6.26 17.03
N LYS A 195 10.44 -6.86 18.21
CA LYS A 195 10.22 -6.09 19.43
C LYS A 195 11.43 -5.19 19.64
N GLY A 196 11.22 -4.10 20.36
CA GLY A 196 12.33 -3.20 20.64
C GLY A 196 13.03 -3.75 21.87
N ARG A 197 14.32 -3.48 22.00
CA ARG A 197 15.04 -3.98 23.16
C ARG A 197 16.25 -3.14 23.46
N TYR A 198 16.44 -2.78 24.73
CA TYR A 198 17.61 -2.02 25.16
C TYR A 198 18.06 -2.55 26.51
N TRP A 199 19.09 -1.94 27.11
CA TRP A 199 19.61 -2.43 28.38
C TRP A 199 19.75 -1.35 29.42
N GLU A 200 19.23 -1.62 30.62
CA GLU A 200 19.30 -0.65 31.71
C GLU A 200 19.49 -1.35 33.05
N ASN A 201 20.50 -0.89 33.79
CA ASN A 201 20.82 -1.44 35.10
C ASN A 201 20.89 -2.97 35.10
N GLY A 202 21.77 -3.53 34.27
CA GLY A 202 21.91 -4.96 34.21
C GLY A 202 20.66 -5.70 33.80
N GLU A 203 19.73 -5.02 33.12
CA GLU A 203 18.49 -5.65 32.70
C GLU A 203 18.10 -5.35 31.25
N TRP A 204 17.54 -6.34 30.58
CA TRP A 204 17.09 -6.17 29.20
C TRP A 204 15.63 -5.74 29.20
N ILE A 205 15.31 -4.71 28.44
CA ILE A 205 13.96 -4.19 28.38
C ILE A 205 13.39 -4.19 26.98
N GLU A 206 12.23 -4.82 26.83
CA GLU A 206 11.59 -4.89 25.52
C GLU A 206 10.46 -3.88 25.39
N THR A 207 10.12 -3.55 24.14
CA THR A 207 9.06 -2.59 23.85
C THR A 207 8.22 -3.15 22.72
N GLU A 208 7.09 -2.52 22.43
CA GLU A 208 6.26 -2.97 21.32
C GLU A 208 7.08 -2.56 20.10
N PRO A 209 6.89 -3.24 18.97
CA PRO A 209 7.68 -2.82 17.81
C PRO A 209 7.44 -1.35 17.49
N GLU A 211 7.81 1.37 19.23
CA GLU A 211 7.11 2.12 20.28
C GLU A 211 7.78 3.45 20.62
N ILE A 212 9.01 3.37 21.13
CA ILE A 212 9.77 4.55 21.53
C ILE A 212 10.34 5.29 20.31
N GLN A 214 12.00 9.37 18.97
CA GLN A 214 12.45 10.69 19.35
C GLN A 214 13.00 11.42 18.15
N VAL A 215 12.80 12.73 18.09
CA VAL A 215 13.30 13.55 17.00
C VAL A 215 14.74 13.90 17.32
N TRP A 216 15.67 13.46 16.49
CA TRP A 216 17.08 13.73 16.74
C TRP A 216 17.65 14.50 15.59
N ASP A 217 18.48 15.49 15.92
CA ASP A 217 19.11 16.34 14.91
C ASP A 217 20.48 15.78 14.55
N TYR A 218 20.57 15.13 13.41
CA TYR A 218 21.84 14.56 12.96
C TYR A 218 22.66 15.59 12.16
N PRO A 219 23.92 15.86 12.56
CA PRO A 219 24.79 16.82 11.89
C PRO A 219 24.90 16.58 10.40
N GLU A 220 24.65 17.61 9.61
CA GLU A 220 24.76 17.55 8.16
C GLU A 220 23.55 16.89 7.57
N VAL A 221 22.59 16.54 8.41
CA VAL A 221 21.36 15.94 7.91
C VAL A 221 20.12 16.66 8.43
N GLY A 222 20.10 16.94 9.73
CA GLY A 222 18.95 17.63 10.32
C GLY A 222 18.11 16.72 11.21
N PRO A 223 17.04 17.26 11.82
CA PRO A 223 16.15 16.48 12.71
C PRO A 223 15.35 15.39 12.02
N LYS A 224 15.52 14.15 12.49
CA LYS A 224 14.83 12.99 11.92
C LYS A 224 14.13 12.14 12.99
N ASP A 225 12.99 11.54 12.65
CA ASP A 225 12.29 10.69 13.62
C ASP A 225 13.15 9.45 13.79
N SER A 226 13.56 9.20 15.02
CA SER A 226 14.39 8.05 15.30
C SER A 226 13.65 7.07 16.20
N TYR A 227 13.69 5.79 15.85
CA TYR A 227 12.99 4.78 16.62
C TYR A 227 13.93 3.84 17.34
N LEU A 228 13.49 3.33 18.47
CA LEU A 228 14.30 2.43 19.25
C LEU A 228 14.16 0.99 18.76
N LEU A 229 15.26 0.45 18.24
CA LEU A 229 15.30 -0.93 17.76
C LEU A 229 16.39 -1.67 18.52
N TYR A 230 16.34 -2.99 18.47
CA TYR A 230 17.37 -3.75 19.11
C TYR A 230 18.49 -3.84 18.08
N HIS A 231 19.69 -4.14 18.51
CA HIS A 231 20.80 -4.27 17.59
C HIS A 231 21.82 -5.17 18.25
N GLU A 232 22.51 -5.97 17.44
CA GLU A 232 23.49 -6.92 17.96
C GLU A 232 24.67 -6.40 18.79
N GLU A 233 25.19 -5.20 18.53
CA GLU A 233 26.33 -4.75 19.36
C GLU A 233 25.97 -4.49 20.82
N LEU A 234 24.69 -4.26 21.11
CA LEU A 234 24.28 -4.03 22.49
C LEU A 234 24.70 -5.24 23.34
N GLU A 235 24.53 -6.44 22.79
CA GLU A 235 24.88 -7.65 23.51
C GLU A 235 26.35 -7.73 23.94
N SER A 236 27.28 -7.27 23.11
CA SER A 236 28.67 -7.36 23.52
C SER A 236 29.09 -6.15 24.35
N LEU A 237 28.54 -5.00 24.01
CA LEU A 237 28.86 -3.77 24.73
C LEU A 237 28.52 -3.80 26.21
N VAL A 238 27.37 -4.39 26.57
CA VAL A 238 27.01 -4.44 27.97
C VAL A 238 28.03 -5.29 28.70
N ARG A 239 28.63 -6.25 27.97
CA ARG A 239 29.64 -7.11 28.58
C ARG A 239 30.96 -6.37 28.82
N ASN A 240 31.46 -5.73 27.77
CA ASN A 240 32.76 -5.06 27.78
C ASN A 240 32.91 -3.62 28.28
N ILE A 241 31.84 -2.84 28.32
CA ILE A 241 31.97 -1.47 28.80
C ILE A 241 31.71 -1.42 30.32
N LYS A 242 32.70 -0.98 31.09
CA LYS A 242 32.54 -0.93 32.53
C LYS A 242 31.90 0.34 33.06
N GLY A 243 31.00 0.15 34.02
CA GLY A 243 30.30 1.26 34.64
C GLY A 243 29.01 1.59 33.92
N LEU A 244 28.80 0.96 32.77
CA LEU A 244 27.61 1.18 31.96
C LEU A 244 26.30 0.97 32.74
N LYS A 245 25.41 1.95 32.62
CA LYS A 245 24.11 1.90 33.29
C LYS A 245 22.99 1.72 32.27
N ARG A 246 23.18 2.25 31.06
CA ARG A 246 22.17 2.16 30.01
C ARG A 246 22.74 2.31 28.60
N ILE A 247 22.21 1.51 27.67
CA ILE A 247 22.62 1.58 26.27
C ILE A 247 21.39 1.38 25.38
N ARG A 248 21.27 2.20 24.34
CA ARG A 248 20.13 2.13 23.43
C ARG A 248 20.49 2.42 21.98
N PHE A 249 19.81 1.72 21.06
CA PHE A 249 20.02 1.88 19.63
C PHE A 249 18.81 2.57 18.99
N PHE A 250 19.05 3.61 18.20
CA PHE A 250 17.98 4.34 17.52
C PHE A 250 18.27 4.39 16.03
N THR A 252 16.75 5.84 12.17
CA THR A 252 15.87 6.72 11.42
C THR A 252 14.86 5.97 10.52
N PHE A 253 13.66 6.52 10.37
CA PHE A 253 12.61 5.94 9.52
C PHE A 253 11.64 7.01 9.01
N GLY A 254 11.66 7.26 7.71
CA GLY A 254 10.77 8.25 7.12
C GLY A 254 9.31 7.86 7.30
N GLN A 255 8.42 8.86 7.29
CA GLN A 255 7.01 8.58 7.47
C GLN A 255 6.42 7.92 6.23
N SER A 256 6.80 8.41 5.05
CA SER A 256 6.30 7.80 3.81
C SER A 256 6.67 6.32 3.77
N TYR A 257 7.91 6.03 4.14
CA TYR A 257 8.41 4.65 4.14
C TYR A 257 7.55 3.76 5.02
N LEU A 258 7.34 4.18 6.27
CA LEU A 258 6.53 3.40 7.19
C LEU A 258 5.10 3.27 6.70
N THR A 259 4.61 4.28 6.01
CA THR A 259 3.24 4.26 5.50
C THR A 259 3.11 3.16 4.45
N HIS A 260 3.95 3.21 3.43
CA HIS A 260 3.95 2.20 2.38
C HIS A 260 4.10 0.79 2.96
N ARG A 262 3.41 -0.38 6.00
CA ARG A 262 2.19 -0.83 6.68
C ARG A 262 1.04 -1.08 5.69
N CYS A 263 0.86 -0.18 4.72
CA CYS A 263 -0.20 -0.37 3.75
C CYS A 263 -0.01 -1.71 3.04
N LEU A 264 1.17 -1.92 2.49
CA LEU A 264 1.49 -3.15 1.76
C LEU A 264 1.26 -4.40 2.63
N GLU A 265 1.72 -4.36 3.87
CA GLU A 265 1.55 -5.50 4.75
C GLU A 265 0.06 -5.72 5.00
N ASN A 266 -0.72 -4.65 4.95
CA ASN A 266 -2.16 -4.79 5.18
C ASN A 266 -2.90 -5.54 4.08
N VAL A 267 -2.74 -5.14 2.82
CA VAL A 267 -3.46 -5.84 1.75
C VAL A 267 -2.87 -7.22 1.45
N GLY A 268 -1.78 -7.57 2.13
CA GLY A 268 -1.16 -8.87 1.94
C GLY A 268 -0.02 -8.99 0.95
N LEU A 270 3.00 -8.70 1.32
CA LEU A 270 4.25 -9.17 1.90
C LEU A 270 4.18 -10.63 2.33
N ARG A 271 3.09 -11.31 1.97
CA ARG A 271 2.89 -12.71 2.31
C ARG A 271 3.83 -13.57 1.47
N ILE A 272 4.31 -14.67 2.03
CA ILE A 272 5.21 -15.55 1.29
C ILE A 272 4.52 -16.82 0.83
N ASP A 273 3.32 -17.06 1.35
CA ASP A 273 2.54 -18.24 0.98
C ASP A 273 1.97 -18.05 -0.42
N GLU A 274 1.47 -19.12 -1.01
CA GLU A 274 0.89 -19.06 -2.35
C GLU A 274 -0.62 -18.84 -2.34
N ILE A 275 -1.10 -18.03 -3.28
CA ILE A 275 -2.53 -17.80 -3.40
C ILE A 275 -2.90 -18.16 -4.85
N GLU A 276 -4.20 -18.19 -5.14
CA GLU A 276 -4.64 -18.53 -6.50
C GLU A 276 -5.03 -17.28 -7.27
N VAL A 277 -4.58 -17.19 -8.52
CA VAL A 277 -4.90 -16.05 -9.35
C VAL A 277 -5.20 -16.59 -10.75
N ASN A 278 -6.50 -16.74 -11.04
CA ASN A 278 -6.98 -17.29 -12.31
C ASN A 278 -6.45 -18.69 -12.51
N GLY A 279 -6.49 -19.48 -11.44
CA GLY A 279 -6.03 -20.84 -11.49
C GLY A 279 -4.52 -21.00 -11.39
N CYS A 280 -3.82 -19.88 -11.21
CA CYS A 280 -2.37 -19.93 -11.11
C CYS A 280 -1.84 -19.59 -9.72
N LYS A 281 -1.00 -20.48 -9.18
CA LYS A 281 -0.40 -20.26 -7.88
C LYS A 281 0.53 -19.05 -7.96
N VAL A 282 0.41 -18.15 -6.99
CA VAL A 282 1.23 -16.94 -6.99
C VAL A 282 1.64 -16.50 -5.60
N VAL A 283 2.94 -16.26 -5.42
CA VAL A 283 3.44 -15.80 -4.14
C VAL A 283 3.39 -14.28 -4.18
N PRO A 284 2.57 -13.67 -3.31
CA PRO A 284 2.44 -12.21 -3.27
C PRO A 284 3.76 -11.44 -3.30
N ILE A 285 4.60 -11.64 -2.29
CA ILE A 285 5.86 -10.93 -2.20
C ILE A 285 6.73 -11.03 -3.45
N GLN A 286 6.56 -12.10 -4.23
CA GLN A 286 7.34 -12.25 -5.46
C GLN A 286 6.81 -11.32 -6.52
N VAL A 287 5.52 -11.01 -6.44
CA VAL A 287 4.91 -10.08 -7.40
C VAL A 287 5.36 -8.69 -7.02
N LEU A 288 5.54 -8.45 -5.72
CA LEU A 288 5.99 -7.15 -5.24
C LEU A 288 7.42 -6.91 -5.69
N LYS A 289 8.25 -7.95 -5.60
CA LYS A 289 9.65 -7.85 -6.00
C LYS A 289 9.79 -7.58 -7.49
N ALA A 290 8.79 -8.01 -8.27
CA ALA A 290 8.80 -7.82 -9.71
C ALA A 290 8.30 -6.42 -10.11
N LEU A 291 7.48 -5.80 -9.26
CA LEU A 291 6.97 -4.47 -9.55
C LEU A 291 7.96 -3.37 -9.11
N LEU A 292 8.62 -3.58 -7.98
CA LEU A 292 9.58 -2.60 -7.45
C LEU A 292 10.85 -2.58 -8.29
N PRO A 293 11.56 -1.45 -8.30
CA PRO A 293 12.79 -1.41 -9.09
C PRO A 293 13.83 -2.38 -8.53
N ASP A 294 14.73 -2.85 -9.39
CA ASP A 294 15.78 -3.79 -8.99
C ASP A 294 16.77 -3.16 -8.00
N PRO A 295 16.89 -3.73 -6.80
CA PRO A 295 17.79 -3.22 -5.75
C PRO A 295 19.16 -2.80 -6.25
N ALA A 296 19.66 -3.51 -7.27
CA ALA A 296 20.98 -3.21 -7.82
C ALA A 296 21.02 -1.88 -8.56
N SER A 297 19.90 -1.50 -9.15
CA SER A 297 19.83 -0.25 -9.90
C SER A 297 19.74 1.00 -9.03
N LEU A 298 19.48 0.82 -7.75
CA LEU A 298 19.34 1.95 -6.84
C LEU A 298 20.60 2.75 -6.53
N ALA A 299 21.72 2.05 -6.34
CA ALA A 299 22.99 2.71 -6.01
C ALA A 299 23.27 3.99 -6.80
N SER A 300 23.02 3.95 -8.11
CA SER A 300 23.27 5.10 -8.98
C SER A 300 22.19 6.18 -8.92
N ARG A 301 21.05 5.89 -8.29
CA ARG A 301 19.95 6.85 -8.18
C ARG A 301 19.84 7.46 -6.78
N THR A 302 20.57 6.92 -5.81
CA THR A 302 20.49 7.41 -4.44
C THR A 302 21.35 8.64 -4.19
N LYS A 303 20.73 9.67 -3.62
CA LYS A 303 21.39 10.92 -3.32
C LYS A 303 21.07 11.28 -1.87
N GLY A 304 22.01 11.91 -1.18
CA GLY A 304 21.75 12.24 0.19
C GLY A 304 22.82 11.66 1.08
N LYS A 305 22.73 11.94 2.38
CA LYS A 305 23.73 11.47 3.31
C LYS A 305 23.22 10.53 4.39
N THR A 306 24.18 9.94 5.11
CA THR A 306 23.88 9.05 6.21
C THR A 306 24.75 9.53 7.36
N ASN A 307 24.28 9.32 8.57
CA ASN A 307 25.01 9.75 9.75
C ASN A 307 24.83 8.66 10.77
N ILE A 308 25.94 8.06 11.19
CA ILE A 308 25.88 7.00 12.20
C ILE A 308 26.88 7.40 13.28
N GLY A 309 26.51 7.23 14.54
CA GLY A 309 27.43 7.60 15.60
C GLY A 309 26.95 7.21 16.98
N CYS A 310 27.72 7.61 17.98
CA CYS A 310 27.40 7.28 19.36
C CYS A 310 27.38 8.54 20.22
N TYR A 311 26.34 8.67 21.04
CA TYR A 311 26.17 9.82 21.93
C TYR A 311 26.55 9.22 23.29
N ILE A 312 27.68 9.65 23.83
CA ILE A 312 28.18 9.08 25.08
C ILE A 312 28.33 10.00 26.28
N LYS A 313 27.79 9.56 27.43
CA LYS A 313 27.87 10.34 28.66
C LYS A 313 28.54 9.53 29.75
N GLY A 314 29.49 10.16 30.44
CA GLY A 314 30.19 9.46 31.50
C GLY A 314 30.91 10.43 32.42
N ILE A 315 31.89 9.90 33.15
CA ILE A 315 32.65 10.73 34.07
C ILE A 315 34.11 10.78 33.65
N LYS A 316 34.66 11.99 33.67
CA LYS A 316 36.06 12.20 33.33
C LYS A 316 36.65 13.14 34.38
N GLU A 317 37.48 12.60 35.25
CA GLU A 317 38.11 13.36 36.32
C GLU A 317 37.09 13.96 37.29
N GLY A 318 36.19 13.11 37.77
CA GLY A 318 35.17 13.52 38.71
C GLY A 318 34.04 14.37 38.14
N LYS A 319 34.20 14.85 36.92
CA LYS A 319 33.18 15.68 36.31
C LYS A 319 32.39 14.97 35.23
N ALA A 320 31.18 15.44 34.98
CA ALA A 320 30.33 14.86 33.95
C ALA A 320 30.86 15.32 32.61
N ARG A 321 30.68 14.50 31.58
CA ARG A 321 31.16 14.83 30.24
C ARG A 321 30.32 14.09 29.20
N THR A 322 30.06 14.76 28.09
CA THR A 322 29.26 14.16 27.04
C THR A 322 29.89 14.42 25.68
N ILE A 323 30.13 13.35 24.92
CA ILE A 323 30.70 13.50 23.59
C ILE A 323 29.87 12.78 22.56
N TYR A 324 29.99 13.23 21.32
CA TYR A 324 29.24 12.66 20.22
C TYR A 324 30.24 12.37 19.09
N ILE A 325 30.49 11.09 18.86
CA ILE A 325 31.40 10.66 17.81
C ILE A 325 30.54 10.15 16.66
N TYR A 326 30.83 10.56 15.44
CA TYR A 326 30.02 10.13 14.32
C TYR A 326 30.68 10.24 12.96
N ASN A 327 30.00 9.70 11.96
CA ASN A 327 30.47 9.73 10.59
C ASN A 327 29.34 10.10 9.64
N VAL A 328 29.67 10.88 8.61
CA VAL A 328 28.69 11.27 7.61
C VAL A 328 29.18 10.71 6.30
N CYS A 329 28.28 10.08 5.56
CA CYS A 329 28.66 9.48 4.29
C CYS A 329 27.69 9.93 3.21
N ASP A 330 28.24 10.36 2.07
CA ASP A 330 27.44 10.83 0.95
C ASP A 330 27.20 9.67 -0.01
N HIS A 331 25.94 9.44 -0.39
CA HIS A 331 25.59 8.34 -1.29
C HIS A 331 26.26 8.37 -2.67
N GLU A 332 26.20 9.52 -3.32
CA GLU A 332 26.77 9.70 -4.66
C GLU A 332 28.28 9.50 -4.69
N SER A 333 28.98 9.97 -3.67
CA SER A 333 30.43 9.81 -3.61
C SER A 333 30.74 8.32 -3.51
N CYS A 334 29.93 7.60 -2.76
CA CYS A 334 30.11 6.16 -2.61
C CYS A 334 29.89 5.44 -3.92
N TYR A 335 28.97 5.93 -4.74
CA TYR A 335 28.71 5.28 -6.01
C TYR A 335 29.88 5.52 -6.96
N ARG A 336 30.35 6.76 -7.04
CA ARG A 336 31.46 7.09 -7.92
C ARG A 336 32.71 6.30 -7.55
N GLU A 337 33.08 6.32 -6.27
CA GLU A 337 34.29 5.63 -5.84
C GLU A 337 34.27 4.11 -5.90
N VAL A 338 33.25 3.48 -5.31
CA VAL A 338 33.20 2.01 -5.29
C VAL A 338 31.97 1.31 -5.85
N ASN A 339 31.21 2.02 -6.69
CA ASN A 339 30.04 1.46 -7.34
C ASN A 339 28.97 0.91 -6.39
N ALA A 340 28.70 1.62 -5.30
CA ALA A 340 27.70 1.15 -4.34
C ALA A 340 27.09 2.31 -3.52
N GLN A 341 26.00 2.03 -2.81
CA GLN A 341 25.35 3.07 -2.00
C GLN A 341 26.02 3.14 -0.62
N ALA A 342 25.69 4.19 0.13
CA ALA A 342 26.27 4.42 1.45
C ALA A 342 25.95 3.32 2.47
N ILE A 343 24.84 2.61 2.30
CA ILE A 343 24.50 1.53 3.24
C ILE A 343 25.56 0.45 3.13
N SER A 344 25.87 0.05 1.90
CA SER A 344 26.89 -0.96 1.63
C SER A 344 28.27 -0.44 2.01
N TYR A 345 28.55 0.80 1.64
CA TYR A 345 29.82 1.44 1.91
C TYR A 345 30.20 1.50 3.39
N THR A 346 29.28 1.95 4.24
CA THR A 346 29.59 2.05 5.66
C THR A 346 29.81 0.70 6.34
N THR A 347 29.25 -0.36 5.77
CA THR A 347 29.46 -1.68 6.35
C THR A 347 30.72 -2.32 5.75
N GLY A 348 30.94 -2.08 4.46
CA GLY A 348 32.06 -2.66 3.74
C GLY A 348 33.46 -2.18 4.09
N VAL A 349 33.65 -0.87 4.12
CA VAL A 349 34.97 -0.33 4.43
C VAL A 349 35.50 -0.91 5.76
N PRO A 350 34.68 -0.89 6.82
CA PRO A 350 35.07 -1.42 8.13
C PRO A 350 35.51 -2.90 8.09
N ALA A 351 34.84 -3.71 7.28
CA ALA A 351 35.21 -5.12 7.19
C ALA A 351 36.61 -5.23 6.59
N ILE A 353 39.02 -2.86 6.82
CA ILE A 353 39.96 -2.40 7.83
C ILE A 353 40.25 -3.46 8.89
N GLY A 354 39.23 -4.24 9.23
CA GLY A 354 39.43 -5.29 10.22
C GLY A 354 40.38 -6.34 9.68
N ALA A 355 40.23 -6.68 8.40
CA ALA A 355 41.11 -7.67 7.79
C ALA A 355 42.51 -7.08 7.63
N LYS A 356 42.59 -5.80 7.29
CA LYS A 356 43.87 -5.14 7.11
C LYS A 356 44.65 -5.17 8.42
N LEU A 357 44.00 -4.80 9.52
CA LEU A 357 44.64 -4.80 10.83
C LEU A 357 45.09 -6.18 11.29
N LEU A 359 45.92 -8.77 9.13
CA LEU A 359 47.00 -9.16 8.23
C LEU A 359 48.32 -8.41 8.48
N GLU A 360 48.23 -7.23 9.11
CA GLU A 360 49.43 -6.46 9.43
C GLU A 360 49.80 -6.75 10.89
N GLY A 361 48.93 -7.51 11.55
CA GLY A 361 49.18 -7.90 12.94
C GLY A 361 48.98 -6.84 14.01
N LYS A 362 48.34 -5.72 13.68
CA LYS A 362 48.10 -4.68 14.66
C LYS A 362 46.99 -5.11 15.61
N TRP A 363 46.16 -6.05 15.16
CA TRP A 363 45.07 -6.59 15.95
C TRP A 363 45.28 -8.10 15.97
N SER A 364 45.88 -8.60 17.04
CA SER A 364 46.13 -10.03 17.13
C SER A 364 45.78 -10.62 18.48
N GLY A 365 45.15 -11.79 18.42
CA GLY A 365 44.74 -12.49 19.62
C GLY A 365 44.36 -13.89 19.21
N LYS A 366 44.11 -14.77 20.18
CA LYS A 366 43.74 -16.13 19.86
C LYS A 366 42.38 -16.40 20.47
N GLY A 367 41.40 -16.65 19.62
CA GLY A 367 40.06 -16.90 20.09
C GLY A 367 39.05 -16.07 19.31
N VAL A 368 37.87 -15.88 19.88
CA VAL A 368 36.81 -15.11 19.25
C VAL A 368 36.70 -13.75 19.93
N PHE A 369 36.78 -12.68 19.15
CA PHE A 369 36.74 -11.33 19.70
C PHE A 369 35.71 -10.40 19.07
N ASN A 370 35.16 -9.52 19.90
CA ASN A 370 34.22 -8.50 19.43
C ASN A 370 35.13 -7.27 19.36
N GLU A 372 35.24 -4.17 20.52
CA GLU A 372 35.63 -3.38 21.69
C GLU A 372 36.71 -3.96 22.59
N GLU A 373 37.12 -5.19 22.32
CA GLU A 373 38.14 -5.85 23.14
C GLU A 373 39.53 -5.51 22.66
N LEU A 374 39.62 -4.89 21.49
CA LEU A 374 40.90 -4.56 20.89
C LEU A 374 41.20 -3.08 20.89
N ASP A 375 42.47 -2.74 20.71
CA ASP A 375 42.88 -1.35 20.70
C ASP A 375 42.27 -0.63 19.49
N PRO A 376 41.41 0.37 19.75
CA PRO A 376 40.72 1.17 18.74
C PRO A 376 41.55 2.18 17.98
N ASP A 377 42.70 2.57 18.51
CA ASP A 377 43.51 3.58 17.83
C ASP A 377 43.92 3.25 16.39
N PRO A 378 44.52 2.08 16.14
CA PRO A 378 44.90 1.80 14.75
C PRO A 378 43.69 1.69 13.82
N PHE A 379 42.53 1.35 14.40
CA PHE A 379 41.29 1.22 13.63
C PHE A 379 40.80 2.62 13.29
N ASP A 381 42.46 5.21 13.06
CA ASP A 381 43.39 5.84 12.12
C ASP A 381 43.04 5.40 10.70
N GLU A 382 42.87 4.10 10.49
CA GLU A 382 42.54 3.60 9.15
C GLU A 382 41.25 4.24 8.64
N LEU A 383 40.31 4.49 9.54
CA LEU A 383 39.04 5.11 9.16
C LEU A 383 39.23 6.47 8.48
N ASN A 384 40.09 7.32 9.03
CA ASN A 384 40.33 8.64 8.41
C ASN A 384 41.00 8.45 7.05
N LYS A 385 41.70 7.33 6.87
CA LYS A 385 42.42 7.05 5.63
C LYS A 385 41.66 6.26 4.57
N GLN A 386 40.60 5.56 4.95
CA GLN A 386 39.86 4.74 3.97
C GLN A 386 38.50 5.24 3.53
N GLY A 387 38.18 6.51 3.80
CA GLY A 387 36.90 7.03 3.34
C GLY A 387 35.76 7.15 4.33
N LEU A 388 36.05 6.97 5.61
CA LEU A 388 35.03 7.09 6.64
C LEU A 388 35.54 8.02 7.74
N PRO A 389 35.94 9.25 7.37
CA PRO A 389 36.44 10.17 8.40
C PRO A 389 35.37 10.37 9.46
N TRP A 390 35.80 10.42 10.72
CA TRP A 390 34.90 10.61 11.86
C TRP A 390 35.12 11.95 12.55
N GLU A 391 34.16 12.34 13.38
CA GLU A 391 34.25 13.61 14.12
C GLU A 391 33.80 13.45 15.57
N VAL A 392 34.45 14.18 16.46
CA VAL A 392 34.10 14.13 17.88
C VAL A 392 33.58 15.50 18.28
N LYS A 393 32.37 15.51 18.83
CA LYS A 393 31.76 16.77 19.22
C LYS A 393 31.52 16.80 20.71
N GLU A 394 32.10 17.80 21.36
CA GLU A 394 31.98 18.01 22.79
C GLU A 394 30.60 18.63 23.07
N ALA B 2 -47.86 -8.01 -13.11
CA ALA B 2 -47.05 -7.83 -14.35
C ALA B 2 -45.84 -8.77 -14.41
N LYS B 3 -45.34 -8.98 -15.63
CA LYS B 3 -44.19 -9.82 -15.86
C LYS B 3 -42.99 -8.92 -16.13
N VAL B 4 -41.94 -9.03 -15.33
CA VAL B 4 -40.76 -8.21 -15.53
C VAL B 4 -39.50 -9.03 -15.78
N LEU B 5 -38.60 -8.48 -16.61
CA LEU B 5 -37.35 -9.12 -16.93
C LEU B 5 -36.21 -8.20 -16.48
N GLN B 6 -35.41 -8.67 -15.53
CA GLN B 6 -34.28 -7.90 -15.04
C GLN B 6 -32.98 -8.53 -15.50
N ILE B 7 -32.07 -7.69 -15.97
CA ILE B 7 -30.77 -8.15 -16.42
C ILE B 7 -29.67 -7.65 -15.48
N GLY B 8 -28.97 -8.57 -14.83
CA GLY B 8 -27.91 -8.19 -13.91
C GLY B 8 -28.09 -8.72 -12.51
N ALA B 9 -27.16 -9.55 -12.06
CA ALA B 9 -27.23 -10.16 -10.73
C ALA B 9 -26.14 -9.75 -9.73
N GLY B 10 -25.60 -8.55 -9.89
CA GLY B 10 -24.57 -8.07 -8.97
C GLY B 10 -25.20 -7.61 -7.66
N GLY B 11 -24.41 -6.95 -6.81
CA GLY B 11 -24.91 -6.48 -5.52
C GLY B 11 -26.21 -5.70 -5.68
N VAL B 12 -26.22 -4.70 -6.57
CA VAL B 12 -27.41 -3.90 -6.80
C VAL B 12 -28.49 -4.78 -7.39
N GLY B 13 -28.09 -5.64 -8.33
CA GLY B 13 -29.02 -6.53 -8.98
C GLY B 13 -29.78 -7.37 -7.97
N GLY B 14 -29.10 -7.74 -6.88
CA GLY B 14 -29.73 -8.53 -5.84
C GLY B 14 -30.84 -7.78 -5.12
N VAL B 15 -30.50 -6.59 -4.62
CA VAL B 15 -31.48 -5.78 -3.90
C VAL B 15 -32.72 -5.52 -4.76
N VAL B 16 -32.50 -5.27 -6.05
CA VAL B 16 -33.62 -4.99 -6.94
C VAL B 16 -34.57 -6.15 -7.04
N ALA B 17 -34.02 -7.35 -7.11
CA ALA B 17 -34.83 -8.55 -7.22
C ALA B 17 -35.57 -8.79 -5.91
N HIS B 18 -34.85 -8.62 -4.79
CA HIS B 18 -35.49 -8.80 -3.49
C HIS B 18 -36.66 -7.83 -3.31
N LYS B 19 -36.41 -6.55 -3.55
CA LYS B 19 -37.45 -5.53 -3.43
C LYS B 19 -38.62 -5.76 -4.37
N ALA B 21 -39.61 -8.70 -5.26
CA ALA B 21 -40.26 -9.88 -4.71
C ALA B 21 -41.08 -9.53 -3.47
N ASN B 23 -43.02 -6.83 -3.44
CA ASN B 23 -44.13 -6.05 -3.95
C ASN B 23 -44.79 -6.85 -5.08
N ARG B 24 -45.31 -8.02 -4.71
CA ARG B 24 -45.94 -8.92 -5.66
C ARG B 24 -47.27 -8.47 -6.26
N GLU B 25 -47.79 -7.33 -5.80
CA GLU B 25 -49.05 -6.83 -6.34
C GLU B 25 -48.78 -6.14 -7.69
N VAL B 26 -47.53 -5.75 -7.90
CA VAL B 26 -47.13 -5.10 -9.14
C VAL B 26 -46.20 -6.04 -9.91
N PHE B 27 -45.25 -6.67 -9.20
CA PHE B 27 -44.30 -7.60 -9.82
C PHE B 27 -44.75 -9.01 -9.52
N SER B 28 -45.68 -9.52 -10.31
CA SER B 28 -46.20 -10.87 -10.08
C SER B 28 -45.26 -11.97 -10.55
N HIS B 29 -44.75 -11.86 -11.77
CA HIS B 29 -43.82 -12.87 -12.32
C HIS B 29 -42.48 -12.20 -12.61
N ILE B 30 -41.44 -12.62 -11.88
CA ILE B 30 -40.11 -12.06 -12.00
C ILE B 30 -39.10 -12.98 -12.67
N THR B 31 -38.47 -12.52 -13.74
CA THR B 31 -37.43 -13.29 -14.43
C THR B 31 -36.10 -12.54 -14.23
N LEU B 32 -35.09 -13.25 -13.74
CA LEU B 32 -33.78 -12.66 -13.49
C LEU B 32 -32.73 -13.32 -14.42
N ALA B 33 -32.08 -12.50 -15.24
CA ALA B 33 -31.07 -12.99 -16.17
C ALA B 33 -29.70 -12.35 -15.98
N SER B 34 -28.67 -13.18 -15.90
CA SER B 34 -27.31 -12.69 -15.74
C SER B 34 -26.38 -13.58 -16.52
N ARG B 35 -25.19 -13.06 -16.85
CA ARG B 35 -24.22 -13.83 -17.60
C ARG B 35 -23.91 -15.15 -16.89
N THR B 36 -23.60 -15.07 -15.60
CA THR B 36 -23.31 -16.27 -14.82
C THR B 36 -24.57 -16.70 -14.09
N LEU B 37 -25.03 -17.89 -14.43
CA LEU B 37 -26.24 -18.45 -13.85
C LEU B 37 -26.21 -18.56 -12.32
N SER B 38 -25.05 -18.89 -11.76
CA SER B 38 -24.93 -19.06 -10.31
C SER B 38 -25.28 -17.83 -9.48
N LYS B 39 -24.90 -16.65 -9.96
CA LYS B 39 -25.24 -15.43 -9.23
C LYS B 39 -26.76 -15.31 -9.13
N CYS B 40 -27.46 -15.65 -10.22
CA CYS B 40 -28.92 -15.63 -10.25
C CYS B 40 -29.48 -16.63 -9.26
N GLN B 41 -28.83 -17.79 -9.15
CA GLN B 41 -29.31 -18.79 -8.23
C GLN B 41 -29.14 -18.31 -6.79
N GLU B 42 -27.99 -17.69 -6.50
CA GLU B 42 -27.75 -17.22 -5.15
C GLU B 42 -28.80 -16.23 -4.69
N ILE B 43 -29.27 -15.39 -5.61
CA ILE B 43 -30.29 -14.38 -5.32
C ILE B 43 -31.66 -15.02 -5.10
N ALA B 44 -31.98 -15.99 -5.95
CA ALA B 44 -33.24 -16.70 -5.84
C ALA B 44 -33.25 -17.40 -4.49
N GLN B 45 -32.11 -17.97 -4.12
CA GLN B 45 -31.93 -18.67 -2.86
C GLN B 45 -32.29 -17.76 -1.66
N SER B 46 -31.76 -16.54 -1.64
CA SER B 46 -32.05 -15.63 -0.55
C SER B 46 -33.51 -15.17 -0.57
N ILE B 47 -34.03 -14.90 -1.77
CA ILE B 47 -35.41 -14.46 -1.93
C ILE B 47 -36.36 -15.51 -1.40
N LYS B 48 -36.12 -16.76 -1.79
CA LYS B 48 -36.93 -17.89 -1.37
C LYS B 48 -36.84 -18.08 0.15
N ALA B 49 -35.61 -18.03 0.67
CA ALA B 49 -35.35 -18.22 2.09
C ALA B 49 -36.00 -17.19 3.00
N LYS B 50 -36.02 -15.93 2.56
CA LYS B 50 -36.63 -14.87 3.37
C LYS B 50 -38.15 -14.87 3.24
N GLY B 51 -38.67 -15.84 2.50
CA GLY B 51 -40.09 -15.97 2.30
C GLY B 51 -40.75 -15.06 1.29
N TYR B 52 -40.03 -14.67 0.25
CA TYR B 52 -40.64 -13.78 -0.72
C TYR B 52 -41.06 -14.43 -2.02
N GLY B 53 -40.96 -15.76 -2.09
CA GLY B 53 -41.39 -16.44 -3.29
C GLY B 53 -40.34 -16.99 -4.23
N GLU B 54 -40.78 -17.27 -5.45
CA GLU B 54 -39.92 -17.81 -6.50
C GLU B 54 -39.67 -16.81 -7.61
N ILE B 55 -38.60 -17.01 -8.36
CA ILE B 55 -38.27 -16.16 -9.49
C ILE B 55 -37.58 -17.04 -10.52
N ASP B 56 -37.88 -16.81 -11.79
CA ASP B 56 -37.24 -17.59 -12.86
C ASP B 56 -35.87 -16.99 -13.10
N ILE B 57 -34.90 -17.86 -13.39
CA ILE B 57 -33.54 -17.41 -13.66
C ILE B 57 -33.07 -17.97 -14.99
N THR B 58 -32.30 -17.17 -15.72
CA THR B 58 -31.77 -17.59 -17.00
C THR B 58 -30.49 -16.80 -17.23
N THR B 59 -29.76 -17.13 -18.29
CA THR B 59 -28.54 -16.40 -18.61
C THR B 59 -28.75 -15.81 -19.97
N VAL B 60 -27.79 -15.03 -20.43
CA VAL B 60 -27.87 -14.42 -21.75
C VAL B 60 -26.66 -13.55 -22.03
N ASP B 61 -26.32 -13.43 -23.31
CA ASP B 61 -25.20 -12.61 -23.72
C ASP B 61 -25.82 -11.22 -23.99
N ALA B 62 -25.74 -10.33 -23.00
CA ALA B 62 -26.31 -9.00 -23.12
C ALA B 62 -25.58 -8.16 -24.17
N ASP B 63 -24.56 -8.73 -24.79
CA ASP B 63 -23.81 -8.03 -25.82
C ASP B 63 -24.41 -8.30 -27.20
N SER B 64 -25.31 -9.27 -27.26
CA SER B 64 -25.97 -9.63 -28.51
C SER B 64 -27.42 -9.17 -28.59
N ILE B 65 -27.71 -8.28 -29.53
CA ILE B 65 -29.07 -7.78 -29.69
C ILE B 65 -30.01 -8.94 -30.05
N GLU B 66 -29.68 -9.68 -31.10
CA GLU B 66 -30.50 -10.82 -31.54
C GLU B 66 -30.87 -11.74 -30.38
N GLU B 67 -29.91 -12.03 -29.49
CA GLU B 67 -30.16 -12.90 -28.34
C GLU B 67 -31.14 -12.25 -27.36
N LEU B 68 -30.92 -10.97 -27.08
CA LEU B 68 -31.79 -10.24 -26.17
C LEU B 68 -33.20 -10.17 -26.74
N VAL B 69 -33.29 -9.89 -28.03
CA VAL B 69 -34.61 -9.82 -28.66
C VAL B 69 -35.31 -11.15 -28.44
N ALA B 70 -34.58 -12.24 -28.68
CA ALA B 70 -35.12 -13.58 -28.51
C ALA B 70 -35.64 -13.82 -27.10
N LEU B 71 -34.81 -13.55 -26.10
CA LEU B 71 -35.19 -13.74 -24.70
C LEU B 71 -36.44 -12.93 -24.34
N ILE B 72 -36.49 -11.70 -24.81
CA ILE B 72 -37.64 -10.83 -24.56
C ILE B 72 -38.88 -11.42 -25.22
N ASN B 73 -38.71 -11.94 -26.44
CA ASN B 73 -39.86 -12.51 -27.15
C ASN B 73 -40.40 -13.76 -26.49
N GLU B 74 -39.55 -14.47 -25.76
CA GLU B 74 -40.00 -15.68 -25.09
C GLU B 74 -40.64 -15.37 -23.74
N VAL B 75 -40.09 -14.39 -23.03
CA VAL B 75 -40.62 -14.06 -21.71
C VAL B 75 -41.84 -13.15 -21.75
N LYS B 76 -41.95 -12.30 -22.78
CA LYS B 76 -43.09 -11.39 -22.89
C LYS B 76 -43.19 -10.49 -21.66
N PRO B 77 -42.14 -9.71 -21.38
CA PRO B 77 -42.16 -8.82 -20.22
C PRO B 77 -42.76 -7.45 -20.54
N GLN B 78 -43.26 -6.78 -19.50
CA GLN B 78 -43.85 -5.45 -19.65
C GLN B 78 -42.80 -4.37 -19.45
N ILE B 79 -41.64 -4.75 -18.92
CA ILE B 79 -40.55 -3.82 -18.68
C ILE B 79 -39.24 -4.55 -18.47
N VAL B 80 -38.15 -3.99 -19.01
CA VAL B 80 -36.84 -4.60 -18.87
C VAL B 80 -35.99 -3.68 -18.03
N LEU B 81 -35.43 -4.22 -16.95
CA LEU B 81 -34.59 -3.45 -16.04
C LEU B 81 -33.13 -3.75 -16.30
N ASN B 82 -32.37 -2.74 -16.73
CA ASN B 82 -30.96 -2.92 -16.98
C ASN B 82 -30.11 -2.58 -15.76
N ILE B 83 -29.91 -3.58 -14.91
CA ILE B 83 -29.09 -3.44 -13.70
C ILE B 83 -27.74 -4.10 -14.00
N ALA B 84 -27.37 -4.14 -15.28
CA ALA B 84 -26.11 -4.76 -15.68
C ALA B 84 -24.98 -3.75 -15.86
N LEU B 85 -23.97 -4.13 -16.63
CA LEU B 85 -22.84 -3.24 -16.88
C LEU B 85 -23.31 -2.08 -17.77
N PRO B 86 -22.67 -0.90 -17.62
CA PRO B 86 -23.01 0.29 -18.40
C PRO B 86 -22.67 0.15 -19.88
N TYR B 87 -21.70 -0.71 -20.18
CA TYR B 87 -21.30 -0.89 -21.56
C TYR B 87 -22.32 -1.71 -22.35
N GLN B 88 -23.42 -2.08 -21.70
CA GLN B 88 -24.46 -2.86 -22.37
C GLN B 88 -25.78 -2.09 -22.55
N ASP B 89 -25.81 -0.85 -22.07
CA ASP B 89 -27.00 -0.01 -22.18
C ASP B 89 -27.53 0.05 -23.61
N LEU B 90 -26.66 0.43 -24.54
CA LEU B 90 -27.04 0.56 -25.93
C LEU B 90 -27.60 -0.70 -26.57
N THR B 91 -27.04 -1.86 -26.24
CA THR B 91 -27.57 -3.09 -26.83
C THR B 91 -28.88 -3.47 -26.17
N ILE B 92 -29.02 -3.19 -24.89
CA ILE B 92 -30.27 -3.55 -24.23
C ILE B 92 -31.36 -2.60 -24.68
N GLU B 94 -31.55 -1.25 -27.65
CA GLU B 94 -31.93 -1.60 -29.02
C GLU B 94 -32.90 -2.76 -28.97
N ALA B 95 -32.62 -3.73 -28.10
CA ALA B 95 -33.50 -4.88 -27.95
C ALA B 95 -34.89 -4.40 -27.55
N CYS B 96 -34.94 -3.54 -26.55
CA CYS B 96 -36.19 -2.99 -26.06
C CYS B 96 -36.93 -2.22 -27.14
N LEU B 97 -36.20 -1.46 -27.95
CA LEU B 97 -36.80 -0.70 -29.03
C LEU B 97 -37.45 -1.63 -30.06
N ARG B 98 -36.75 -2.70 -30.41
CA ARG B 98 -37.27 -3.65 -31.39
C ARG B 98 -38.47 -4.45 -30.90
N THR B 99 -38.52 -4.72 -29.60
CA THR B 99 -39.63 -5.50 -29.05
C THR B 99 -40.75 -4.59 -28.58
N GLY B 100 -40.47 -3.29 -28.52
CA GLY B 100 -41.48 -2.34 -28.07
C GLY B 100 -41.75 -2.46 -26.57
N VAL B 101 -40.72 -2.84 -25.81
CA VAL B 101 -40.84 -2.99 -24.36
C VAL B 101 -40.10 -1.89 -23.59
N PRO B 102 -40.74 -1.29 -22.57
CA PRO B 102 -40.17 -0.22 -21.74
C PRO B 102 -38.78 -0.55 -21.19
N TYR B 103 -37.94 0.48 -21.02
CA TYR B 103 -36.56 0.32 -20.53
C TYR B 103 -36.24 1.17 -19.30
N LEU B 104 -35.34 0.68 -18.46
CA LEU B 104 -34.93 1.41 -17.26
C LEU B 104 -33.53 0.97 -16.83
N ASP B 105 -32.63 1.92 -16.57
CA ASP B 105 -31.30 1.55 -16.11
C ASP B 105 -30.87 2.47 -14.96
N THR B 106 -29.72 2.16 -14.35
CA THR B 106 -29.23 2.97 -13.24
C THR B 106 -27.89 3.67 -13.51
N ALA B 107 -27.36 3.55 -14.71
CA ALA B 107 -26.08 4.18 -15.05
C ALA B 107 -25.98 4.38 -16.55
N ASN B 108 -25.47 5.54 -16.97
CA ASN B 108 -25.34 5.85 -18.39
C ASN B 108 -24.29 5.02 -19.13
N TYR B 109 -24.27 5.18 -20.46
CA TYR B 109 -23.36 4.45 -21.33
C TYR B 109 -21.89 4.77 -21.13
N GLU B 110 -21.05 3.76 -21.35
CA GLU B 110 -19.61 3.90 -21.18
C GLU B 110 -18.90 2.79 -21.96
N HIS B 111 -18.02 3.16 -22.89
CA HIS B 111 -17.28 2.18 -23.67
C HIS B 111 -15.80 2.16 -23.28
N PHE B 117 -18.05 8.59 -19.54
CA PHE B 117 -19.45 8.18 -19.62
C PHE B 117 -20.36 9.41 -19.77
N GLU B 118 -21.28 9.35 -20.73
CA GLU B 118 -22.19 10.47 -20.97
C GLU B 118 -23.56 9.99 -21.43
N TYR B 119 -24.50 10.92 -21.59
CA TYR B 119 -25.86 10.58 -21.99
C TYR B 119 -26.14 10.62 -23.49
N LYS B 120 -25.27 11.30 -24.23
CA LYS B 120 -25.44 11.43 -25.69
C LYS B 120 -26.00 10.19 -26.38
N GLU B 121 -25.32 9.06 -26.25
CA GLU B 121 -25.77 7.85 -26.93
C GLU B 121 -27.20 7.44 -26.57
N GLN B 122 -27.53 7.57 -25.29
CA GLN B 122 -28.86 7.21 -24.82
C GLN B 122 -29.93 8.21 -25.26
N TRP B 123 -29.63 9.51 -25.16
CA TRP B 123 -30.60 10.50 -25.57
C TRP B 123 -30.87 10.35 -27.06
N ALA B 124 -29.95 9.68 -27.75
CA ALA B 124 -30.06 9.46 -29.19
C ALA B 124 -31.21 8.52 -29.58
N PHE B 125 -31.65 7.69 -28.64
CA PHE B 125 -32.73 6.73 -28.86
C PHE B 125 -34.09 7.35 -28.63
N HIS B 126 -34.09 8.64 -28.32
CA HIS B 126 -35.32 9.36 -28.04
C HIS B 126 -36.41 9.35 -29.11
N ASP B 127 -36.14 9.96 -30.26
CA ASP B 127 -37.14 10.01 -31.31
C ASP B 127 -37.58 8.61 -31.74
N ARG B 128 -36.65 7.65 -31.75
CA ARG B 128 -37.02 6.30 -32.16
C ARG B 128 -37.96 5.69 -31.13
N TYR B 129 -37.70 5.98 -29.86
CA TYR B 129 -38.53 5.48 -28.78
C TYR B 129 -39.91 6.13 -28.83
N LYS B 130 -39.93 7.45 -28.99
CA LYS B 130 -41.19 8.19 -29.04
C LYS B 130 -42.03 7.71 -30.22
N GLU B 131 -41.36 7.47 -31.35
CA GLU B 131 -42.05 7.00 -32.54
C GLU B 131 -42.59 5.59 -32.37
N LYS B 132 -41.85 4.74 -31.65
CA LYS B 132 -42.29 3.37 -31.42
C LYS B 132 -43.31 3.38 -30.30
N GLY B 133 -43.39 4.49 -29.59
CA GLY B 133 -44.34 4.59 -28.50
C GLY B 133 -43.86 3.82 -27.29
N VAL B 134 -42.56 3.94 -27.01
CA VAL B 134 -41.93 3.25 -25.88
C VAL B 134 -41.22 4.22 -24.93
N ALA B 136 -38.28 5.08 -21.97
CA ALA B 136 -36.95 4.70 -21.48
C ALA B 136 -36.62 5.67 -20.35
N LEU B 137 -36.32 5.13 -19.17
CA LEU B 137 -36.00 5.94 -18.01
C LEU B 137 -34.52 5.77 -17.72
N LEU B 138 -33.82 6.87 -17.44
CA LEU B 138 -32.38 6.77 -17.19
C LEU B 138 -31.92 7.12 -15.76
N GLY B 139 -30.87 6.43 -15.33
CA GLY B 139 -30.30 6.67 -14.02
C GLY B 139 -31.23 6.53 -12.84
N SER B 140 -32.09 5.51 -12.84
CA SER B 140 -33.03 5.31 -11.74
C SER B 140 -32.42 4.72 -10.47
N GLY B 141 -31.29 5.28 -10.02
CA GLY B 141 -30.64 4.82 -8.80
C GLY B 141 -30.74 5.91 -7.74
N PHE B 142 -29.84 5.92 -6.76
CA PHE B 142 -29.91 7.00 -5.77
C PHE B 142 -29.24 8.26 -6.32
N ASP B 143 -28.09 8.08 -6.95
CA ASP B 143 -27.35 9.17 -7.57
C ASP B 143 -26.59 8.58 -8.76
N PRO B 144 -27.08 8.82 -9.99
CA PRO B 144 -28.30 9.58 -10.29
C PRO B 144 -29.54 8.85 -9.84
N GLY B 145 -30.66 9.56 -9.81
CA GLY B 145 -31.90 8.95 -9.38
C GLY B 145 -32.59 9.74 -8.29
N VAL B 146 -32.55 9.23 -7.07
CA VAL B 146 -33.19 9.94 -5.97
C VAL B 146 -32.67 11.36 -5.80
N THR B 147 -31.38 11.58 -6.07
CA THR B 147 -30.83 12.92 -5.97
C THR B 147 -31.55 13.80 -7.00
N ASN B 148 -31.82 13.24 -8.17
CA ASN B 148 -32.51 13.98 -9.22
C ASN B 148 -33.93 14.32 -8.78
N VAL B 149 -34.57 13.38 -8.09
CA VAL B 149 -35.93 13.56 -7.62
C VAL B 149 -35.97 14.59 -6.49
N PHE B 150 -35.03 14.50 -5.55
CA PHE B 150 -34.98 15.49 -4.49
C PHE B 150 -35.00 16.87 -5.13
N CYS B 151 -34.17 17.07 -6.14
CA CYS B 151 -34.08 18.34 -6.84
C CYS B 151 -35.38 18.79 -7.48
N ALA B 152 -35.96 17.93 -8.31
CA ALA B 152 -37.23 18.26 -8.96
C ALA B 152 -38.33 18.50 -7.92
N TYR B 153 -38.30 17.73 -6.83
CA TYR B 153 -39.29 17.87 -5.78
C TYR B 153 -39.13 19.21 -5.07
N ALA B 154 -37.89 19.62 -4.87
CA ALA B 154 -37.60 20.89 -4.24
C ALA B 154 -38.03 22.00 -5.18
N GLN B 155 -37.85 21.79 -6.47
CA GLN B 155 -38.22 22.81 -7.44
C GLN B 155 -39.72 22.98 -7.54
N LYS B 156 -40.46 21.95 -7.11
CA LYS B 156 -41.91 21.99 -7.18
C LYS B 156 -42.60 22.48 -5.92
N HIS B 157 -42.04 22.20 -4.76
CA HIS B 157 -42.68 22.59 -3.50
C HIS B 157 -41.95 23.60 -2.60
N TYR B 158 -40.66 23.82 -2.81
CA TYR B 158 -39.94 24.74 -1.93
C TYR B 158 -39.33 25.97 -2.55
N PHE B 159 -39.25 26.04 -3.88
CA PHE B 159 -38.67 27.20 -4.53
C PHE B 159 -39.43 27.66 -5.78
N ASP B 160 -39.10 28.88 -6.21
CA ASP B 160 -39.65 29.47 -7.42
C ASP B 160 -38.46 29.48 -8.36
N GLU B 161 -37.26 29.42 -7.79
CA GLU B 161 -36.03 29.41 -8.56
C GLU B 161 -34.93 28.76 -7.73
N ILE B 162 -34.22 27.81 -8.35
CA ILE B 162 -33.12 27.13 -7.68
C ILE B 162 -31.85 27.70 -8.30
N HIS B 163 -30.94 28.20 -7.45
CA HIS B 163 -29.71 28.80 -7.94
C HIS B 163 -28.49 27.89 -7.79
N GLU B 164 -28.34 27.33 -6.60
CA GLU B 164 -27.21 26.46 -6.36
C GLU B 164 -27.64 25.11 -5.81
N ILE B 165 -26.98 24.07 -6.30
CA ILE B 165 -27.23 22.70 -5.88
C ILE B 165 -25.93 21.98 -5.54
N ASP B 166 -25.87 21.40 -4.35
CA ASP B 166 -24.71 20.62 -3.95
C ASP B 166 -25.23 19.25 -3.57
N ILE B 167 -24.63 18.22 -4.17
CA ILE B 167 -24.99 16.84 -3.88
C ILE B 167 -23.89 16.33 -2.97
N LEU B 168 -24.26 15.83 -1.79
CA LEU B 168 -23.31 15.33 -0.80
C LEU B 168 -23.52 13.85 -0.51
N ASP B 169 -22.59 13.02 -0.98
CA ASP B 169 -22.66 11.56 -0.81
C ASP B 169 -21.63 11.03 0.22
N CYS B 170 -22.14 10.53 1.35
CA CYS B 170 -21.28 9.99 2.39
C CYS B 170 -21.57 8.57 2.83
N ASN B 171 -20.53 7.74 2.82
CA ASN B 171 -20.64 6.36 3.27
C ASN B 171 -19.69 6.20 4.46
N ALA B 172 -20.26 6.07 5.66
CA ALA B 172 -19.48 5.94 6.88
C ALA B 172 -19.25 4.45 7.21
N GLY B 173 -19.89 3.59 6.42
CA GLY B 173 -19.78 2.15 6.62
C GLY B 173 -18.37 1.68 6.90
N ASP B 174 -18.25 0.72 7.82
CA ASP B 174 -16.95 0.19 8.20
C ASP B 174 -16.98 -1.33 8.15
N HIS B 175 -16.16 -1.91 7.27
CA HIS B 175 -16.11 -3.36 7.10
C HIS B 175 -15.14 -4.11 8.02
N GLY B 176 -14.43 -3.39 8.88
CA GLY B 176 -13.51 -4.05 9.79
C GLY B 176 -12.17 -4.52 9.25
N TYR B 177 -11.90 -4.22 7.98
CA TYR B 177 -10.63 -4.60 7.37
C TYR B 177 -9.72 -3.39 7.24
N PRO B 178 -8.41 -3.62 7.17
CA PRO B 178 -7.46 -2.51 7.05
C PRO B 178 -7.78 -1.77 5.75
N PHE B 179 -8.01 -2.57 4.70
CA PHE B 179 -8.35 -2.04 3.39
C PHE B 179 -9.12 -3.11 2.63
N ALA B 180 -10.20 -2.69 1.99
CA ALA B 180 -11.03 -3.58 1.20
C ALA B 180 -11.97 -2.75 0.33
N THR B 181 -12.11 -3.16 -0.92
CA THR B 181 -12.96 -2.46 -1.87
C THR B 181 -14.26 -3.23 -2.12
N ASN B 182 -15.34 -2.50 -2.39
CA ASN B 182 -16.64 -3.10 -2.64
C ASN B 182 -16.84 -3.49 -4.10
N PHE B 183 -16.12 -2.81 -5.00
CA PHE B 183 -16.22 -3.07 -6.43
C PHE B 183 -14.92 -3.62 -7.00
N ASN B 184 -14.77 -3.50 -8.31
CA ASN B 184 -13.57 -3.94 -9.02
C ASN B 184 -12.59 -2.78 -8.86
N PRO B 185 -11.45 -3.01 -8.20
CA PRO B 185 -10.42 -2.00 -7.97
C PRO B 185 -10.26 -0.95 -9.06
N GLU B 186 -10.43 -1.33 -10.32
CA GLU B 186 -10.31 -0.39 -11.44
C GLU B 186 -11.31 0.77 -11.32
N ILE B 187 -12.43 0.51 -10.63
CA ILE B 187 -13.45 1.53 -10.42
C ILE B 187 -12.99 2.52 -9.35
N ASN B 188 -12.48 1.97 -8.23
CA ASN B 188 -12.02 2.80 -7.13
C ASN B 188 -10.90 3.73 -7.58
N LEU B 189 -10.03 3.21 -8.44
CA LEU B 189 -8.93 3.98 -8.97
C LEU B 189 -9.45 5.12 -9.81
N ARG B 190 -10.44 4.81 -10.64
CA ARG B 190 -11.05 5.80 -11.52
C ARG B 190 -11.66 6.99 -10.77
N GLU B 191 -12.37 6.72 -9.67
CA GLU B 191 -13.00 7.79 -8.90
C GLU B 191 -11.98 8.84 -8.46
N VAL B 192 -10.91 8.37 -7.82
CA VAL B 192 -9.87 9.26 -7.31
C VAL B 192 -8.81 9.71 -8.34
N SER B 193 -8.83 9.10 -9.53
CA SER B 193 -7.88 9.47 -10.58
C SER B 193 -8.43 10.52 -11.53
N SER B 194 -9.71 10.41 -11.89
CA SER B 194 -10.33 11.35 -12.81
C SER B 194 -10.40 12.77 -12.29
N LYS B 195 -10.28 13.74 -13.20
CA LYS B 195 -10.34 15.14 -12.82
C LYS B 195 -11.76 15.44 -12.38
N GLY B 196 -11.91 16.39 -11.47
CA GLY B 196 -13.24 16.74 -11.01
C GLY B 196 -13.86 17.72 -12.00
N ARG B 197 -15.18 17.71 -12.11
CA ARG B 197 -15.87 18.61 -13.03
C ARG B 197 -17.19 19.06 -12.41
N TYR B 198 -17.53 20.33 -12.59
CA TYR B 198 -18.79 20.86 -12.08
C TYR B 198 -19.27 21.93 -13.03
N TRP B 199 -20.43 22.52 -12.76
CA TRP B 199 -20.99 23.52 -13.65
C TRP B 199 -21.34 24.84 -12.94
N GLU B 200 -20.93 25.95 -13.55
CA GLU B 200 -21.20 27.28 -13.00
C GLU B 200 -21.35 28.26 -14.16
N ASN B 201 -22.47 28.97 -14.19
CA ASN B 201 -22.76 29.94 -15.23
C ASN B 201 -22.61 29.38 -16.65
N GLY B 202 -23.24 28.23 -16.90
CA GLY B 202 -23.20 27.61 -18.22
C GLY B 202 -21.86 27.09 -18.70
N GLU B 203 -20.90 26.97 -17.80
CA GLU B 203 -19.58 26.49 -18.18
C GLU B 203 -19.19 25.28 -17.34
N TRP B 204 -18.56 24.28 -17.96
CA TRP B 204 -18.12 23.12 -17.20
C TRP B 204 -16.73 23.46 -16.71
N ILE B 205 -16.52 23.36 -15.40
CA ILE B 205 -15.22 23.67 -14.82
C ILE B 205 -14.54 22.41 -14.28
N GLU B 206 -13.30 22.19 -14.71
CA GLU B 206 -12.56 21.02 -14.27
C GLU B 206 -11.62 21.35 -13.13
N THR B 207 -11.14 20.31 -12.47
CA THR B 207 -10.23 20.47 -11.34
C THR B 207 -9.26 19.30 -11.32
N GLU B 208 -8.21 19.43 -10.52
CA GLU B 208 -7.22 18.37 -10.38
C GLU B 208 -7.91 17.29 -9.56
N PRO B 209 -7.55 16.02 -9.79
CA PRO B 209 -8.18 14.93 -9.04
C PRO B 209 -8.14 15.20 -7.53
N GLU B 211 -8.92 17.64 -5.91
CA GLU B 211 -8.40 18.98 -5.61
C GLU B 211 -9.22 19.84 -4.64
N ILE B 212 -10.54 19.68 -4.66
CA ILE B 212 -11.40 20.49 -3.80
C ILE B 212 -12.09 19.65 -2.73
N GLN B 214 -13.99 19.80 1.44
CA GLN B 214 -14.60 20.56 2.52
C GLN B 214 -15.05 19.58 3.59
N VAL B 215 -15.09 20.03 4.84
CA VAL B 215 -15.54 19.15 5.91
C VAL B 215 -17.01 19.47 6.10
N TRP B 216 -17.86 18.50 5.80
CA TRP B 216 -19.29 18.69 5.93
C TRP B 216 -19.82 17.81 7.04
N ASP B 217 -20.73 18.33 7.86
CA ASP B 217 -21.29 17.57 8.96
C ASP B 217 -22.56 16.85 8.52
N TYR B 218 -22.41 15.59 8.15
CA TYR B 218 -23.55 14.81 7.71
C TYR B 218 -24.48 14.39 8.85
N PRO B 219 -25.75 14.77 8.80
CA PRO B 219 -26.72 14.42 9.83
C PRO B 219 -26.68 12.93 10.14
N GLU B 220 -26.69 12.58 11.43
CA GLU B 220 -26.69 11.19 11.90
C GLU B 220 -25.34 10.50 11.68
N VAL B 221 -24.36 11.23 11.15
CA VAL B 221 -23.04 10.65 10.89
C VAL B 221 -21.87 11.49 11.42
N GLY B 222 -22.00 12.81 11.34
CA GLY B 222 -20.95 13.69 11.82
C GLY B 222 -20.10 14.23 10.68
N PRO B 223 -19.16 15.13 10.96
CA PRO B 223 -18.26 15.73 9.96
C PRO B 223 -17.38 14.73 9.24
N LYS B 224 -17.11 14.98 7.96
CA LYS B 224 -16.30 14.09 7.14
C LYS B 224 -15.64 14.85 5.99
N ASP B 225 -14.44 14.44 5.59
CA ASP B 225 -13.78 15.12 4.47
C ASP B 225 -14.52 14.77 3.18
N SER B 226 -15.01 15.79 2.49
CA SER B 226 -15.75 15.56 1.24
C SER B 226 -15.08 16.21 0.04
N TYR B 227 -14.73 15.38 -0.93
CA TYR B 227 -14.04 15.86 -2.13
C TYR B 227 -14.97 16.04 -3.33
N LEU B 228 -14.56 16.89 -4.26
CA LEU B 228 -15.34 17.18 -5.43
C LEU B 228 -14.98 16.26 -6.59
N LEU B 229 -16.00 15.57 -7.10
CA LEU B 229 -15.87 14.65 -8.22
C LEU B 229 -16.96 14.96 -9.22
N TYR B 230 -16.79 14.47 -10.44
CA TYR B 230 -17.81 14.66 -11.45
C TYR B 230 -18.85 13.56 -11.20
N HIS B 231 -20.07 13.75 -11.69
CA HIS B 231 -21.11 12.73 -11.51
C HIS B 231 -22.17 12.94 -12.55
N GLU B 232 -22.53 11.86 -13.22
CA GLU B 232 -23.50 11.88 -14.30
C GLU B 232 -24.77 12.72 -14.22
N GLU B 233 -25.42 12.84 -13.06
CA GLU B 233 -26.65 13.63 -13.03
C GLU B 233 -26.41 15.11 -13.27
N LEU B 234 -25.17 15.56 -13.08
CA LEU B 234 -24.84 16.95 -13.31
C LEU B 234 -25.16 17.31 -14.76
N GLU B 235 -25.05 16.34 -15.65
CA GLU B 235 -25.30 16.57 -17.06
C GLU B 235 -26.77 16.75 -17.43
N SER B 236 -27.68 16.22 -16.64
CA SER B 236 -29.08 16.40 -16.98
C SER B 236 -29.75 17.44 -16.10
N LEU B 237 -29.19 17.69 -14.93
CA LEU B 237 -29.77 18.70 -14.05
C LEU B 237 -29.52 20.11 -14.60
N VAL B 238 -28.36 20.35 -15.20
CA VAL B 238 -28.10 21.68 -15.76
C VAL B 238 -29.08 21.94 -16.90
N ARG B 239 -29.51 20.88 -17.55
CA ARG B 239 -30.46 20.99 -18.66
C ARG B 239 -31.87 21.27 -18.16
N ASN B 240 -32.25 20.60 -17.06
CA ASN B 240 -33.60 20.71 -16.53
C ASN B 240 -33.95 21.72 -15.43
N ILE B 241 -33.10 21.88 -14.41
CA ILE B 241 -33.40 22.83 -13.34
C ILE B 241 -33.30 24.29 -13.83
N LYS B 242 -34.42 25.00 -13.87
CA LYS B 242 -34.41 26.38 -14.34
C LYS B 242 -33.80 27.41 -13.39
N GLY B 243 -32.96 28.26 -13.96
CA GLY B 243 -32.31 29.30 -13.19
C GLY B 243 -31.11 28.83 -12.39
N LEU B 244 -30.60 27.64 -12.69
CA LEU B 244 -29.46 27.09 -11.98
C LEU B 244 -28.20 27.91 -12.29
N LYS B 245 -27.46 28.31 -11.25
CA LYS B 245 -26.24 29.08 -11.41
C LYS B 245 -25.00 28.24 -11.13
N ARG B 246 -25.16 27.24 -10.28
CA ARG B 246 -24.03 26.37 -9.96
C ARG B 246 -24.47 25.07 -9.32
N ILE B 247 -23.84 23.97 -9.75
CA ILE B 247 -24.15 22.65 -9.20
C ILE B 247 -22.86 21.84 -9.04
N ARG B 248 -22.69 21.25 -7.86
CA ARG B 248 -21.50 20.47 -7.59
C ARG B 248 -21.86 19.17 -6.91
N PHE B 249 -20.97 18.20 -7.01
CA PHE B 249 -21.17 16.90 -6.41
C PHE B 249 -19.98 16.54 -5.52
N PHE B 250 -20.25 16.28 -4.24
CA PHE B 250 -19.21 15.94 -3.28
C PHE B 250 -19.36 14.50 -2.79
N THR B 252 -17.70 11.54 0.14
CA THR B 252 -16.90 11.22 1.31
C THR B 252 -15.66 10.36 1.00
N PHE B 253 -14.54 10.67 1.65
CA PHE B 253 -13.30 9.92 1.47
C PHE B 253 -12.40 9.94 2.69
N GLY B 254 -12.39 8.83 3.44
CA GLY B 254 -11.57 8.73 4.63
C GLY B 254 -10.09 8.79 4.29
N GLN B 255 -9.30 9.32 5.22
CA GLN B 255 -7.86 9.45 5.01
C GLN B 255 -7.16 8.09 4.92
N SER B 256 -7.56 7.15 5.76
CA SER B 256 -6.94 5.83 5.71
C SER B 256 -7.07 5.24 4.31
N TYR B 257 -8.28 5.32 3.77
CA TYR B 257 -8.56 4.79 2.45
C TYR B 257 -7.71 5.42 1.35
N LEU B 258 -7.65 6.75 1.31
CA LEU B 258 -6.86 7.44 0.31
C LEU B 258 -5.38 7.09 0.40
N THR B 259 -4.90 6.79 1.60
CA THR B 259 -3.50 6.43 1.80
C THR B 259 -3.20 5.07 1.17
N HIS B 260 -4.04 4.09 1.44
CA HIS B 260 -3.84 2.76 0.86
C HIS B 260 -3.85 2.81 -0.68
N ARG B 262 -3.22 5.34 -2.80
CA ARG B 262 -2.01 5.96 -3.31
C ARG B 262 -0.80 5.01 -3.18
N CYS B 263 -0.64 4.41 -2.00
CA CYS B 263 0.48 3.51 -1.80
C CYS B 263 0.44 2.34 -2.78
N LEU B 264 -0.73 1.75 -2.94
CA LEU B 264 -0.89 0.63 -3.88
C LEU B 264 -0.56 1.08 -5.30
N GLU B 265 -1.07 2.24 -5.68
CA GLU B 265 -0.83 2.75 -7.02
C GLU B 265 0.65 3.01 -7.24
N ASN B 266 1.31 3.57 -6.23
CA ASN B 266 2.73 3.89 -6.28
C ASN B 266 3.64 2.71 -6.61
N VAL B 267 3.33 1.54 -6.05
CA VAL B 267 4.15 0.36 -6.30
C VAL B 267 3.63 -0.38 -7.53
N GLY B 268 2.62 0.21 -8.18
CA GLY B 268 2.05 -0.38 -9.38
C GLY B 268 1.10 -1.53 -9.18
N LEU B 270 -1.84 -1.53 -9.10
CA LEU B 270 -3.11 -1.29 -9.80
C LEU B 270 -2.98 -1.37 -11.32
N ARG B 271 -1.80 -1.75 -11.79
CA ARG B 271 -1.55 -1.88 -13.23
C ARG B 271 -2.39 -2.99 -13.83
N ILE B 272 -2.74 -2.81 -15.11
CA ILE B 272 -3.57 -3.79 -15.82
C ILE B 272 -2.78 -4.64 -16.81
N ASP B 273 -1.59 -4.18 -17.20
CA ASP B 273 -0.75 -4.92 -18.13
C ASP B 273 -0.12 -6.14 -17.45
N GLU B 274 0.51 -7.00 -18.23
CA GLU B 274 1.15 -8.20 -17.68
C GLU B 274 2.60 -7.94 -17.31
N ILE B 275 3.17 -8.84 -16.51
CA ILE B 275 4.57 -8.75 -16.10
C ILE B 275 5.08 -10.16 -15.91
N GLU B 276 6.39 -10.32 -15.77
CA GLU B 276 6.96 -11.65 -15.58
C GLU B 276 7.28 -11.87 -14.11
N VAL B 277 6.69 -12.91 -13.53
CA VAL B 277 6.89 -13.22 -12.13
C VAL B 277 7.38 -14.67 -11.98
N ASN B 278 8.69 -14.85 -11.94
CA ASN B 278 9.28 -16.18 -11.80
C ASN B 278 8.93 -17.06 -13.00
N GLY B 279 8.94 -16.47 -14.19
CA GLY B 279 8.63 -17.21 -15.40
C GLY B 279 7.23 -16.98 -15.96
N CYS B 280 6.22 -17.06 -15.09
CA CYS B 280 4.83 -16.87 -15.50
C CYS B 280 4.39 -15.42 -15.56
N LYS B 281 3.53 -15.10 -16.50
CA LYS B 281 2.99 -13.75 -16.66
C LYS B 281 1.84 -13.53 -15.69
N VAL B 282 1.85 -12.40 -14.98
CA VAL B 282 0.79 -12.09 -14.03
C VAL B 282 0.32 -10.66 -14.23
N VAL B 283 -0.94 -10.40 -13.86
CA VAL B 283 -1.54 -9.07 -13.99
C VAL B 283 -1.68 -8.42 -12.60
N PRO B 284 -0.87 -7.39 -12.30
CA PRO B 284 -0.88 -6.69 -11.02
C PRO B 284 -2.24 -6.56 -10.32
N ILE B 285 -3.19 -5.90 -10.98
CA ILE B 285 -4.50 -5.69 -10.38
C ILE B 285 -5.30 -6.96 -10.09
N GLN B 286 -5.02 -8.03 -10.83
CA GLN B 286 -5.72 -9.29 -10.62
C GLN B 286 -5.24 -9.97 -9.34
N VAL B 287 -3.98 -9.73 -8.99
CA VAL B 287 -3.43 -10.30 -7.78
C VAL B 287 -4.08 -9.55 -6.62
N LEU B 288 -4.31 -8.25 -6.83
CA LEU B 288 -4.92 -7.42 -5.81
C LEU B 288 -6.34 -7.93 -5.54
N LYS B 289 -7.10 -8.18 -6.61
CA LYS B 289 -8.46 -8.68 -6.50
C LYS B 289 -8.50 -10.03 -5.77
N ALA B 290 -7.47 -10.84 -5.98
CA ALA B 290 -7.39 -12.13 -5.32
C ALA B 290 -6.91 -12.02 -3.88
N LEU B 291 -6.27 -10.89 -3.54
CA LEU B 291 -5.75 -10.67 -2.19
C LEU B 291 -6.75 -10.01 -1.27
N LEU B 292 -7.47 -9.02 -1.80
CA LEU B 292 -8.48 -8.31 -1.02
C LEU B 292 -9.64 -9.24 -0.70
N PRO B 293 -10.33 -9.02 0.43
CA PRO B 293 -11.45 -9.89 0.77
C PRO B 293 -12.55 -9.86 -0.29
N ASP B 294 -13.28 -10.96 -0.40
CA ASP B 294 -14.37 -11.11 -1.35
C ASP B 294 -15.43 -10.02 -1.11
N PRO B 295 -15.71 -9.18 -2.12
CA PRO B 295 -16.71 -8.12 -1.98
C PRO B 295 -18.08 -8.63 -1.55
N ALA B 296 -18.37 -9.88 -1.90
CA ALA B 296 -19.64 -10.47 -1.53
C ALA B 296 -19.73 -10.57 0.00
N SER B 297 -18.65 -11.02 0.62
CA SER B 297 -18.58 -11.19 2.07
C SER B 297 -18.60 -9.92 2.92
N LEU B 298 -18.36 -8.77 2.30
CA LEU B 298 -18.34 -7.51 3.02
C LEU B 298 -19.71 -7.09 3.52
N ALA B 299 -20.75 -7.51 2.81
CA ALA B 299 -22.12 -7.15 3.20
C ALA B 299 -22.49 -7.57 4.63
N SER B 300 -22.02 -8.73 5.06
CA SER B 300 -22.33 -9.20 6.41
C SER B 300 -21.40 -8.66 7.49
N ARG B 301 -20.36 -7.93 7.09
CA ARG B 301 -19.41 -7.39 8.04
C ARG B 301 -19.52 -5.87 8.17
N THR B 302 -20.04 -5.22 7.15
CA THR B 302 -20.15 -3.77 7.16
C THR B 302 -21.15 -3.28 8.20
N LYS B 303 -20.76 -2.22 8.90
CA LYS B 303 -21.57 -1.59 9.93
C LYS B 303 -21.53 -0.09 9.70
N GLY B 304 -22.45 0.64 10.33
CA GLY B 304 -22.47 2.07 10.17
C GLY B 304 -23.56 2.54 9.23
N LYS B 305 -23.63 3.86 9.05
CA LYS B 305 -24.64 4.46 8.20
C LYS B 305 -24.11 5.19 6.99
N THR B 306 -25.02 5.51 6.07
CA THR B 306 -24.69 6.26 4.88
C THR B 306 -25.67 7.43 4.89
N ASN B 307 -25.31 8.50 4.20
CA ASN B 307 -26.14 9.69 4.15
C ASN B 307 -25.86 10.34 2.81
N ILE B 308 -26.89 10.39 1.96
CA ILE B 308 -26.78 11.01 0.64
C ILE B 308 -27.92 12.01 0.50
N GLY B 309 -27.64 13.17 -0.07
CA GLY B 309 -28.70 14.15 -0.20
C GLY B 309 -28.29 15.41 -0.94
N CYS B 310 -29.20 16.38 -0.97
CA CYS B 310 -28.95 17.62 -1.67
C CYS B 310 -29.13 18.84 -0.79
N TYR B 311 -28.16 19.74 -0.89
CA TYR B 311 -28.16 21.00 -0.15
C TYR B 311 -28.55 21.96 -1.27
N ILE B 312 -29.71 22.61 -1.16
CA ILE B 312 -30.19 23.49 -2.22
C ILE B 312 -30.49 24.94 -1.83
N LYS B 313 -29.89 25.87 -2.58
CA LYS B 313 -30.08 27.29 -2.34
C LYS B 313 -30.83 27.91 -3.51
N GLY B 314 -31.90 28.65 -3.18
CA GLY B 314 -32.68 29.28 -4.21
C GLY B 314 -33.49 30.45 -3.68
N ILE B 315 -34.53 30.83 -4.41
CA ILE B 315 -35.38 31.94 -4.03
C ILE B 315 -36.83 31.45 -3.90
N LYS B 316 -37.54 31.93 -2.88
CA LYS B 316 -38.93 31.58 -2.67
C LYS B 316 -39.69 32.84 -2.21
N GLU B 317 -40.67 33.23 -3.01
CA GLU B 317 -41.46 34.43 -2.73
C GLU B 317 -40.56 35.63 -2.52
N GLY B 318 -39.56 35.76 -3.40
CA GLY B 318 -38.63 36.87 -3.34
C GLY B 318 -37.56 36.83 -2.27
N LYS B 319 -37.60 35.82 -1.40
CA LYS B 319 -36.62 35.73 -0.34
C LYS B 319 -35.76 34.48 -0.45
N ALA B 320 -34.50 34.62 -0.08
CA ALA B 320 -33.58 33.51 -0.13
C ALA B 320 -34.06 32.37 0.76
N ARG B 321 -33.84 31.15 0.30
CA ARG B 321 -34.22 29.96 1.05
C ARG B 321 -33.15 28.90 0.84
N THR B 322 -32.99 28.03 1.82
CA THR B 322 -31.98 26.98 1.72
C THR B 322 -32.48 25.76 2.44
N ILE B 323 -32.65 24.68 1.69
CA ILE B 323 -33.10 23.43 2.30
C ILE B 323 -32.06 22.35 2.14
N TYR B 324 -32.21 21.29 2.91
CA TYR B 324 -31.29 20.17 2.86
C TYR B 324 -32.17 18.92 2.89
N ILE B 325 -32.24 18.23 1.75
CA ILE B 325 -33.04 17.01 1.63
C ILE B 325 -32.05 15.86 1.61
N TYR B 326 -32.24 14.85 2.46
CA TYR B 326 -31.30 13.74 2.50
C TYR B 326 -31.89 12.45 3.05
N ASN B 327 -31.14 11.37 2.89
CA ASN B 327 -31.54 10.07 3.38
C ASN B 327 -30.38 9.42 4.13
N VAL B 328 -30.68 8.78 5.26
CA VAL B 328 -29.68 8.09 6.04
C VAL B 328 -30.05 6.62 5.99
N CYS B 329 -29.08 5.77 5.69
CA CYS B 329 -29.35 4.34 5.57
C CYS B 329 -28.35 3.52 6.39
N ASP B 330 -28.85 2.46 7.03
CA ASP B 330 -28.01 1.62 7.88
C ASP B 330 -27.61 0.29 7.26
N HIS B 331 -26.30 0.09 7.12
CA HIS B 331 -25.73 -1.12 6.55
C HIS B 331 -26.27 -2.45 7.10
N GLU B 332 -26.25 -2.61 8.42
CA GLU B 332 -26.71 -3.84 9.04
C GLU B 332 -28.18 -4.11 8.77
N SER B 333 -28.98 -3.05 8.71
CA SER B 333 -30.41 -3.22 8.43
C SER B 333 -30.58 -3.76 7.02
N CYS B 334 -29.85 -3.19 6.07
CA CYS B 334 -29.93 -3.61 4.69
C CYS B 334 -29.58 -5.07 4.52
N TYR B 335 -28.54 -5.52 5.21
CA TYR B 335 -28.12 -6.92 5.11
C TYR B 335 -29.17 -7.85 5.71
N ARG B 336 -29.83 -7.39 6.76
CA ARG B 336 -30.88 -8.17 7.41
C ARG B 336 -32.09 -8.34 6.49
N GLU B 337 -32.45 -7.27 5.79
CA GLU B 337 -33.61 -7.29 4.91
C GLU B 337 -33.36 -7.91 3.55
N VAL B 338 -32.39 -7.41 2.79
CA VAL B 338 -32.15 -7.93 1.45
C VAL B 338 -30.80 -8.58 1.18
N ASN B 339 -30.05 -8.94 2.22
CA ASN B 339 -28.80 -9.64 1.99
C ASN B 339 -27.77 -8.84 1.19
N ALA B 340 -27.62 -7.57 1.53
CA ALA B 340 -26.68 -6.69 0.86
C ALA B 340 -26.38 -5.47 1.73
N GLN B 341 -25.34 -4.72 1.37
CA GLN B 341 -24.99 -3.54 2.15
C GLN B 341 -25.70 -2.29 1.61
N ALA B 342 -25.62 -1.20 2.38
CA ALA B 342 -26.27 0.06 2.04
C ALA B 342 -25.95 0.68 0.68
N ILE B 343 -24.78 0.40 0.12
CA ILE B 343 -24.47 0.99 -1.20
C ILE B 343 -25.35 0.32 -2.25
N SER B 344 -25.46 -1.01 -2.18
CA SER B 344 -26.30 -1.75 -3.11
C SER B 344 -27.76 -1.40 -2.83
N TYR B 345 -28.11 -1.29 -1.56
CA TYR B 345 -29.47 -0.98 -1.16
C TYR B 345 -29.94 0.36 -1.71
N THR B 346 -29.17 1.41 -1.44
CA THR B 346 -29.56 2.75 -1.89
C THR B 346 -29.68 2.85 -3.40
N THR B 347 -28.98 2.00 -4.12
CA THR B 347 -29.05 2.01 -5.58
C THR B 347 -30.21 1.14 -6.08
N GLY B 348 -30.44 0.01 -5.40
CA GLY B 348 -31.49 -0.92 -5.80
C GLY B 348 -32.94 -0.56 -5.57
N VAL B 349 -33.27 0.03 -4.42
CA VAL B 349 -34.66 0.40 -4.14
C VAL B 349 -35.19 1.38 -5.19
N PRO B 350 -34.46 2.49 -5.46
CA PRO B 350 -34.92 3.46 -6.45
C PRO B 350 -35.25 2.80 -7.81
N ALA B 351 -34.53 1.75 -8.16
CA ALA B 351 -34.77 1.06 -9.42
C ALA B 351 -36.10 0.32 -9.35
N ILE B 353 -38.51 1.09 -7.50
CA ILE B 353 -39.53 2.13 -7.49
C ILE B 353 -39.83 2.70 -8.87
N GLY B 354 -38.77 3.00 -9.63
CA GLY B 354 -38.99 3.56 -10.96
C GLY B 354 -39.78 2.59 -11.82
N ALA B 355 -39.53 1.30 -11.63
CA ALA B 355 -40.21 0.25 -12.38
C ALA B 355 -41.66 0.18 -11.93
N LYS B 356 -41.86 0.19 -10.62
CA LYS B 356 -43.20 0.13 -10.05
C LYS B 356 -44.04 1.29 -10.60
N LEU B 357 -43.47 2.49 -10.60
CA LEU B 357 -44.16 3.67 -11.10
C LEU B 357 -44.52 3.51 -12.56
N LEU B 359 -44.89 0.71 -14.32
CA LEU B 359 -45.89 -0.33 -14.51
C LEU B 359 -47.27 0.06 -13.98
N GLU B 360 -47.33 1.07 -13.11
CA GLU B 360 -48.62 1.53 -12.57
C GLU B 360 -49.17 2.71 -13.38
N GLY B 361 -48.33 3.29 -14.22
CA GLY B 361 -48.76 4.40 -15.04
C GLY B 361 -48.62 5.79 -14.41
N LYS B 362 -48.04 5.86 -13.22
CA LYS B 362 -47.86 7.13 -12.54
C LYS B 362 -46.72 7.92 -13.19
N TRP B 363 -45.87 7.18 -13.89
CA TRP B 363 -44.74 7.76 -14.60
C TRP B 363 -44.77 7.21 -16.01
N SER B 364 -45.46 7.92 -16.90
CA SER B 364 -45.58 7.49 -18.28
C SER B 364 -45.07 8.57 -19.22
N GLY B 365 -44.67 8.14 -20.42
CA GLY B 365 -44.17 9.06 -21.42
C GLY B 365 -43.70 8.24 -22.60
N LYS B 366 -43.32 8.91 -23.67
CA LYS B 366 -42.85 8.20 -24.85
C LYS B 366 -41.57 8.91 -25.23
N GLY B 367 -40.47 8.18 -25.14
CA GLY B 367 -39.18 8.73 -25.46
C GLY B 367 -38.20 8.29 -24.40
N VAL B 368 -37.13 9.05 -24.23
CA VAL B 368 -36.09 8.76 -23.24
C VAL B 368 -36.13 9.87 -22.20
N PHE B 369 -36.19 9.49 -20.92
CA PHE B 369 -36.26 10.49 -19.87
C PHE B 369 -35.26 10.37 -18.73
N ASN B 370 -35.02 11.52 -18.10
CA ASN B 370 -34.17 11.62 -16.93
C ASN B 370 -35.15 11.78 -15.76
N GLU B 372 -35.56 13.93 -13.13
CA GLU B 372 -36.13 15.25 -12.88
C GLU B 372 -37.26 15.66 -13.83
N GLU B 373 -37.41 14.96 -14.95
CA GLU B 373 -38.45 15.28 -15.92
C GLU B 373 -39.84 14.81 -15.53
N LEU B 374 -39.92 13.81 -14.66
CA LEU B 374 -41.21 13.29 -14.21
C LEU B 374 -41.65 13.85 -12.87
N ASP B 375 -42.94 13.76 -12.58
CA ASP B 375 -43.49 14.25 -11.33
C ASP B 375 -42.87 13.45 -10.21
N PRO B 376 -42.21 14.15 -9.27
CA PRO B 376 -41.55 13.50 -8.14
C PRO B 376 -42.46 13.03 -6.99
N ASP B 377 -43.62 13.65 -6.86
CA ASP B 377 -44.51 13.27 -5.77
C ASP B 377 -44.76 11.77 -5.59
N PRO B 378 -45.22 11.05 -6.64
CA PRO B 378 -45.43 9.62 -6.40
C PRO B 378 -44.14 8.88 -6.05
N PHE B 379 -43.00 9.37 -6.56
CA PHE B 379 -41.72 8.73 -6.31
C PHE B 379 -41.30 8.96 -4.86
N ASP B 381 -43.25 9.47 -2.32
CA ASP B 381 -44.11 8.75 -1.38
C ASP B 381 -43.62 7.32 -1.24
N GLU B 382 -43.23 6.71 -2.36
CA GLU B 382 -42.74 5.35 -2.36
C GLU B 382 -41.48 5.21 -1.53
N LEU B 383 -40.57 6.18 -1.66
CA LEU B 383 -39.32 6.17 -0.90
C LEU B 383 -39.57 6.07 0.59
N ASN B 384 -40.60 6.75 1.08
CA ASN B 384 -40.90 6.71 2.50
C ASN B 384 -41.50 5.36 2.89
N LYS B 385 -42.10 4.68 1.92
CA LYS B 385 -42.73 3.38 2.13
C LYS B 385 -41.83 2.18 1.88
N GLN B 386 -40.89 2.32 0.95
CA GLN B 386 -40.02 1.19 0.59
C GLN B 386 -38.71 1.02 1.34
N GLY B 387 -38.52 1.79 2.41
CA GLY B 387 -37.28 1.65 3.17
C GLY B 387 -36.24 2.73 3.01
N LEU B 388 -36.56 3.81 2.31
CA LEU B 388 -35.63 4.92 2.11
C LEU B 388 -36.27 6.24 2.53
N PRO B 389 -36.61 6.38 3.81
CA PRO B 389 -37.23 7.61 4.31
C PRO B 389 -36.29 8.80 4.16
N TRP B 390 -36.85 9.92 3.71
CA TRP B 390 -36.09 11.15 3.48
C TRP B 390 -36.54 12.24 4.44
N GLU B 391 -35.72 13.28 4.55
CA GLU B 391 -36.03 14.41 5.42
C GLU B 391 -35.72 15.75 4.75
N VAL B 392 -36.49 16.76 5.14
CA VAL B 392 -36.29 18.10 4.63
C VAL B 392 -35.90 18.94 5.83
N LYS B 393 -34.74 19.55 5.76
CA LYS B 393 -34.25 20.35 6.88
C LYS B 393 -34.02 21.78 6.44
N GLU B 394 -34.69 22.72 7.10
CA GLU B 394 -34.53 24.13 6.77
C GLU B 394 -33.16 24.60 7.25
N GLU B 396 -29.91 27.73 7.20
CA GLU B 396 -29.71 29.17 7.28
C GLU B 396 -29.64 29.82 5.90
N ALA B 397 -30.41 30.89 5.74
CA ALA B 397 -30.44 31.60 4.46
C ALA B 397 -30.41 33.09 4.73
N LEU B 398 -29.21 33.64 4.78
CA LEU B 398 -29.01 35.06 5.04
C LEU B 398 -28.98 35.94 3.80
N GLU B 399 -29.71 37.05 3.84
CA GLU B 399 -29.75 38.00 2.74
C GLU B 399 -29.03 39.27 3.15
N HIS B 400 -28.37 39.91 2.18
CA HIS B 400 -27.66 41.15 2.46
C HIS B 400 -28.25 42.31 1.65
N HIS B 401 -29.04 43.14 2.30
CA HIS B 401 -29.64 44.30 1.66
C HIS B 401 -28.65 45.45 1.71
N HIS B 402 -28.65 46.32 0.70
CA HIS B 402 -27.67 47.40 0.68
C HIS B 402 -28.19 48.84 0.53
N HIS B 403 -29.49 49.04 0.68
CA HIS B 403 -30.08 50.39 0.56
C HIS B 403 -30.05 50.91 -0.86
#